data_8F95
#
_entry.id   8F95
#
_cell.length_a   75.584
_cell.length_b   90.514
_cell.length_c   133.549
_cell.angle_alpha   90.000
_cell.angle_beta   90.000
_cell.angle_gamma   90.000
#
_symmetry.space_group_name_H-M   'P 21 21 21'
#
loop_
_entity.id
_entity.type
_entity.pdbx_description
1 polymer 'Ky15.2 Antibody, heavy chain'
2 polymer 'Ky15.2 Antibody, light chain'
3 polymer 'Circumsporozoite protein DND peptide'
4 non-polymer 1,2-ETHANEDIOL
5 water water
#
loop_
_entity_poly.entity_id
_entity_poly.type
_entity_poly.pdbx_seq_one_letter_code
_entity_poly.pdbx_strand_id
1 'polypeptide(L)'
;QVLLVESGGGVVQPGTSLRLSCVASGFSFSTYGMHWVRQSPGKGLEWVAIIWYDGGNKFYADSVQGRFTVSRDNSKNTLY
LQMNSLRAEDTAVYYCAKAYRTSLDKKYGMDVWGQGTTVTVSSASTKGPSVFPLAPSSKSTSGGTAALGCLVKDYFPEPV
TVSWNSGALTSGVHTFPAVLQSSGLYSLSSVVTVPSSSLGTQTYICNVNHKPSNTKVDKKVEPKSC
;
H,A
2 'polypeptide(L)'
;DIQMTQSPSTLSASVGDRVTITCRASQSIASWLAWYQQKPGKAPKLLIYKASSLESGVPSRFSGSGSGTEFTLTISSLHP
DDFATYFCQQFTSYWTFGQGTKVEIKRTVAAPSVFIFPPSDEQLKSGTASVVCLLNNFYPREAKVQWKVDNALQSGNSQE
SVTEQDSKDSTYSLSSTLTLSKADYEKHKVYACEVTHQGLSSPVTKSFNRGEC
;
L,B
3 'polypeptide(L)' NVDPNANPNVDP C,P
#
loop_
_chem_comp.id
_chem_comp.type
_chem_comp.name
_chem_comp.formula
EDO non-polymer 1,2-ETHANEDIOL 'C2 H6 O2'
#
# COMPACT_ATOMS: atom_id res chain seq x y z
N GLN A 1 -8.27 -16.64 -43.49
CA GLN A 1 -8.31 -16.81 -42.04
C GLN A 1 -8.65 -15.50 -41.34
N VAL A 2 -9.57 -15.58 -40.38
CA VAL A 2 -10.01 -14.40 -39.64
C VAL A 2 -8.85 -13.86 -38.82
N LEU A 3 -8.61 -12.56 -38.93
CA LEU A 3 -7.60 -11.88 -38.14
C LEU A 3 -8.18 -10.59 -37.56
N LEU A 4 -8.05 -10.43 -36.26
CA LEU A 4 -8.51 -9.24 -35.56
C LEU A 4 -7.34 -8.65 -34.78
N VAL A 5 -7.08 -7.37 -34.97
CA VAL A 5 -5.92 -6.70 -34.38
C VAL A 5 -6.43 -5.51 -33.58
N GLU A 6 -6.43 -5.63 -32.26
CA GLU A 6 -6.76 -4.51 -31.40
C GLU A 6 -5.58 -3.54 -31.34
N SER A 7 -5.88 -2.31 -30.92
CA SER A 7 -4.87 -1.27 -30.75
C SER A 7 -5.50 -0.14 -29.96
N GLY A 8 -4.67 0.81 -29.53
CA GLY A 8 -5.11 1.98 -28.81
C GLY A 8 -4.99 1.91 -27.30
N GLY A 9 -4.78 0.72 -26.74
CA GLY A 9 -4.63 0.62 -25.31
C GLY A 9 -3.40 1.33 -24.80
N GLY A 10 -3.42 1.65 -23.51
CA GLY A 10 -2.30 2.35 -22.91
C GLY A 10 -2.52 2.58 -21.44
N VAL A 11 -1.62 3.37 -20.86
CA VAL A 11 -1.66 3.72 -19.44
C VAL A 11 -2.15 5.16 -19.33
N VAL A 12 -3.29 5.37 -18.68
CA VAL A 12 -3.92 6.67 -18.56
C VAL A 12 -4.43 6.85 -17.14
N GLN A 13 -4.72 8.11 -16.80
CA GLN A 13 -5.26 8.51 -15.51
C GLN A 13 -6.77 8.41 -15.49
N PRO A 14 -7.38 8.26 -14.31
CA PRO A 14 -8.84 8.21 -14.24
C PRO A 14 -9.47 9.53 -14.67
N GLY A 15 -10.70 9.44 -15.16
CA GLY A 15 -11.42 10.58 -15.66
C GLY A 15 -11.12 10.96 -17.09
N THR A 16 -10.26 10.23 -17.78
CA THR A 16 -9.85 10.55 -19.14
C THR A 16 -10.63 9.72 -20.15
N SER A 17 -10.42 10.04 -21.42
CA SER A 17 -11.03 9.34 -22.53
C SER A 17 -9.97 8.60 -23.33
N LEU A 18 -10.32 7.41 -23.82
CA LEU A 18 -9.42 6.59 -24.61
C LEU A 18 -10.27 5.81 -25.61
N ARG A 19 -9.73 5.62 -26.81
CA ARG A 19 -10.49 5.02 -27.90
C ARG A 19 -9.70 3.85 -28.48
N LEU A 20 -10.22 2.64 -28.33
CA LEU A 20 -9.61 1.44 -28.88
C LEU A 20 -10.11 1.18 -30.29
N SER A 21 -9.26 0.56 -31.09
CA SER A 21 -9.60 0.17 -32.45
C SER A 21 -9.38 -1.33 -32.62
N CYS A 22 -10.11 -1.91 -33.57
CA CYS A 22 -9.98 -3.32 -33.93
C CYS A 22 -10.08 -3.41 -35.44
N VAL A 23 -8.99 -3.82 -36.09
CA VAL A 23 -8.94 -3.92 -37.54
C VAL A 23 -9.11 -5.39 -37.93
N ALA A 24 -10.03 -5.65 -38.88
CA ALA A 24 -10.40 -7.00 -39.26
C ALA A 24 -9.94 -7.32 -40.67
N SER A 25 -9.72 -8.62 -40.91
CA SER A 25 -9.33 -9.11 -42.22
C SER A 25 -9.65 -10.60 -42.29
N GLY A 26 -9.58 -11.15 -43.50
CA GLY A 26 -9.84 -12.55 -43.70
C GLY A 26 -11.30 -12.95 -43.68
N PHE A 27 -12.21 -11.98 -43.62
CA PHE A 27 -13.64 -12.25 -43.68
C PHE A 27 -14.35 -10.93 -43.98
N SER A 28 -15.62 -11.04 -44.34
CA SER A 28 -16.41 -9.88 -44.74
C SER A 28 -16.86 -9.13 -43.49
N PHE A 29 -16.07 -8.12 -43.12
CA PHE A 29 -16.30 -7.37 -41.89
C PHE A 29 -17.68 -6.70 -41.89
N SER A 30 -18.08 -6.12 -43.02
CA SER A 30 -19.32 -5.37 -43.10
CA SER A 30 -19.32 -5.36 -43.09
C SER A 30 -20.57 -6.23 -42.95
N THR A 31 -20.44 -7.55 -42.96
CA THR A 31 -21.59 -8.43 -42.86
C THR A 31 -21.74 -9.09 -41.50
N TYR A 32 -20.88 -8.79 -40.54
CA TYR A 32 -20.89 -9.46 -39.24
C TYR A 32 -21.07 -8.45 -38.12
N GLY A 33 -21.82 -8.87 -37.10
CA GLY A 33 -21.76 -8.17 -35.83
C GLY A 33 -20.41 -8.36 -35.17
N MET A 34 -20.07 -7.42 -34.29
CA MET A 34 -18.78 -7.44 -33.63
C MET A 34 -18.96 -7.16 -32.14
N HIS A 35 -18.09 -7.75 -31.33
CA HIS A 35 -18.15 -7.64 -29.89
C HIS A 35 -16.88 -6.99 -29.33
N TRP A 36 -17.03 -6.40 -28.15
CA TRP A 36 -15.90 -6.01 -27.31
C TRP A 36 -16.00 -6.78 -26.01
N VAL A 37 -14.91 -7.45 -25.63
CA VAL A 37 -14.84 -8.22 -24.39
C VAL A 37 -13.55 -7.85 -23.67
N ARG A 38 -13.63 -7.74 -22.34
CA ARG A 38 -12.46 -7.40 -21.54
C ARG A 38 -12.21 -8.46 -20.47
N GLN A 39 -10.97 -8.51 -19.98
CA GLN A 39 -10.56 -9.48 -18.99
C GLN A 39 -9.58 -8.84 -18.01
N SER A 40 -9.84 -9.03 -16.72
CA SER A 40 -9.01 -8.50 -15.65
C SER A 40 -8.92 -9.55 -14.56
N PRO A 41 -7.89 -9.46 -13.71
CA PRO A 41 -7.83 -10.41 -12.57
C PRO A 41 -9.00 -10.26 -11.60
N GLY A 42 -9.49 -9.05 -11.40
CA GLY A 42 -10.52 -8.84 -10.40
C GLY A 42 -11.92 -9.20 -10.85
N LYS A 43 -12.25 -8.98 -12.11
CA LYS A 43 -13.61 -9.20 -12.60
C LYS A 43 -13.74 -10.39 -13.54
N GLY A 44 -12.62 -10.98 -13.99
CA GLY A 44 -12.70 -12.09 -14.91
C GLY A 44 -13.00 -11.63 -16.33
N LEU A 45 -13.72 -12.47 -17.07
CA LEU A 45 -14.12 -12.16 -18.43
C LEU A 45 -15.44 -11.40 -18.40
N GLU A 46 -15.46 -10.21 -18.98
CA GLU A 46 -16.62 -9.33 -18.99
C GLU A 46 -16.95 -8.95 -20.42
N TRP A 47 -18.18 -9.24 -20.84
CA TRP A 47 -18.68 -8.69 -22.10
C TRP A 47 -18.91 -7.19 -21.94
N VAL A 48 -18.53 -6.43 -22.96
CA VAL A 48 -18.57 -4.97 -22.91
C VAL A 48 -19.65 -4.40 -23.84
N ALA A 49 -19.55 -4.69 -25.14
CA ALA A 49 -20.50 -4.11 -26.08
C ALA A 49 -20.65 -5.00 -27.30
N ILE A 50 -21.74 -4.78 -28.03
CA ILE A 50 -21.98 -5.40 -29.33
C ILE A 50 -22.53 -4.32 -30.26
N ILE A 51 -22.21 -4.44 -31.54
CA ILE A 51 -22.72 -3.53 -32.56
C ILE A 51 -23.11 -4.36 -33.78
N TRP A 52 -24.28 -4.06 -34.34
CA TRP A 52 -24.78 -4.78 -35.50
C TRP A 52 -23.87 -4.55 -36.70
N TYR A 53 -24.06 -5.40 -37.73
CA TYR A 53 -23.20 -5.36 -38.91
C TYR A 53 -23.16 -3.98 -39.55
N ASP A 54 -24.28 -3.25 -39.51
CA ASP A 54 -24.38 -1.97 -40.20
C ASP A 54 -24.14 -0.77 -39.29
N GLY A 55 -23.79 -1.00 -38.02
CA GLY A 55 -23.57 0.08 -37.09
C GLY A 55 -24.81 0.65 -36.44
N GLY A 56 -25.96 0.01 -36.63
CA GLY A 56 -27.19 0.50 -36.06
C GLY A 56 -27.40 0.10 -34.61
N ASN A 57 -27.96 -1.09 -34.39
CA ASN A 57 -28.19 -1.58 -33.05
C ASN A 57 -26.88 -1.68 -32.26
N LYS A 58 -26.89 -1.11 -31.06
CA LYS A 58 -25.76 -1.17 -30.14
C LYS A 58 -26.27 -1.52 -28.75
N PHE A 59 -25.59 -2.44 -28.07
CA PHE A 59 -25.95 -2.81 -26.72
C PHE A 59 -24.69 -2.84 -25.87
N TYR A 60 -24.84 -2.47 -24.60
CA TYR A 60 -23.71 -2.26 -23.70
C TYR A 60 -23.94 -2.99 -22.38
N ALA A 61 -22.84 -3.40 -21.75
CA ALA A 61 -22.92 -3.95 -20.41
C ALA A 61 -23.25 -2.83 -19.41
N ASP A 62 -23.94 -3.22 -18.33
CA ASP A 62 -24.35 -2.24 -17.32
C ASP A 62 -23.14 -1.47 -16.77
N SER A 63 -21.99 -2.15 -16.63
CA SER A 63 -20.84 -1.53 -16.01
C SER A 63 -20.21 -0.43 -16.87
N VAL A 64 -20.52 -0.39 -18.16
CA VAL A 64 -20.00 0.64 -19.06
C VAL A 64 -21.10 1.52 -19.63
N GLN A 65 -22.37 1.27 -19.29
CA GLN A 65 -23.47 2.03 -19.87
C GLN A 65 -23.35 3.51 -19.48
N GLY A 66 -23.54 4.38 -20.48
CA GLY A 66 -23.44 5.81 -20.27
C GLY A 66 -22.04 6.36 -20.37
N ARG A 67 -21.01 5.53 -20.33
CA ARG A 67 -19.62 5.96 -20.41
C ARG A 67 -18.92 5.52 -21.69
N PHE A 68 -19.13 4.29 -22.12
CA PHE A 68 -18.51 3.77 -23.34
C PHE A 68 -19.51 3.82 -24.49
N THR A 69 -19.02 4.13 -25.68
CA THR A 69 -19.81 4.01 -26.90
C THR A 69 -19.04 3.17 -27.90
N VAL A 70 -19.75 2.31 -28.61
CA VAL A 70 -19.18 1.45 -29.65
C VAL A 70 -19.61 1.99 -31.01
N SER A 71 -18.71 1.86 -31.98
CA SER A 71 -18.99 2.31 -33.33
C SER A 71 -18.12 1.50 -34.28
N ARG A 72 -18.37 1.68 -35.58
CA ARG A 72 -17.62 0.96 -36.60
C ARG A 72 -17.62 1.77 -37.89
N ASP A 73 -16.59 1.53 -38.70
CA ASP A 73 -16.48 2.09 -40.04
C ASP A 73 -16.19 0.92 -40.98
N ASN A 74 -17.22 0.47 -41.71
CA ASN A 74 -17.07 -0.70 -42.56
C ASN A 74 -16.12 -0.47 -43.73
N SER A 75 -16.00 0.78 -44.18
CA SER A 75 -15.07 1.08 -45.27
CA SER A 75 -15.07 1.09 -45.26
C SER A 75 -13.62 0.92 -44.83
N LYS A 76 -13.34 1.06 -43.54
CA LYS A 76 -12.01 0.89 -42.99
C LYS A 76 -11.80 -0.47 -42.35
N ASN A 77 -12.83 -1.31 -42.31
CA ASN A 77 -12.77 -2.63 -41.67
C ASN A 77 -12.39 -2.53 -40.19
N THR A 78 -12.84 -1.47 -39.52
CA THR A 78 -12.43 -1.18 -38.16
C THR A 78 -13.62 -1.13 -37.21
N LEU A 79 -13.45 -1.72 -36.04
CA LEU A 79 -14.37 -1.59 -34.92
C LEU A 79 -13.76 -0.69 -33.87
N TYR A 80 -14.57 0.19 -33.28
CA TYR A 80 -14.10 1.16 -32.32
C TYR A 80 -14.78 0.98 -30.97
N LEU A 81 -14.07 1.38 -29.92
CA LEU A 81 -14.64 1.48 -28.58
C LEU A 81 -14.17 2.79 -27.98
N GLN A 82 -15.09 3.76 -27.88
CA GLN A 82 -14.79 5.03 -27.22
C GLN A 82 -15.10 4.88 -25.74
N MET A 83 -14.08 5.07 -24.90
CA MET A 83 -14.22 5.01 -23.46
C MET A 83 -14.11 6.42 -22.89
N ASN A 84 -15.03 6.76 -21.99
CA ASN A 84 -15.01 8.03 -21.30
C ASN A 84 -15.17 7.80 -19.81
N SER A 85 -14.75 8.79 -19.02
CA SER A 85 -14.85 8.73 -17.55
CA SER A 85 -14.85 8.73 -17.55
C SER A 85 -14.23 7.44 -17.02
N LEU A 86 -13.04 7.12 -17.52
CA LEU A 86 -12.36 5.90 -17.12
C LEU A 86 -12.10 5.89 -15.62
N ARG A 87 -12.29 4.72 -15.01
CA ARG A 87 -11.98 4.48 -13.61
C ARG A 87 -10.97 3.35 -13.53
N ALA A 88 -10.36 3.20 -12.35
CA ALA A 88 -9.36 2.15 -12.16
C ALA A 88 -9.97 0.78 -12.40
N GLU A 89 -11.24 0.59 -12.03
CA GLU A 89 -11.89 -0.69 -12.24
C GLU A 89 -12.12 -1.01 -13.71
N ASP A 90 -11.82 -0.08 -14.62
CA ASP A 90 -11.86 -0.35 -16.05
C ASP A 90 -10.57 -0.96 -16.57
N THR A 91 -9.54 -1.08 -15.74
CA THR A 91 -8.28 -1.67 -16.15
C THR A 91 -8.49 -3.13 -16.53
N ALA A 92 -8.06 -3.49 -17.74
CA ALA A 92 -8.23 -4.85 -18.25
C ALA A 92 -7.54 -4.98 -19.60
N VAL A 93 -7.45 -6.22 -20.08
CA VAL A 93 -7.15 -6.50 -21.48
C VAL A 93 -8.47 -6.49 -22.24
N TYR A 94 -8.56 -5.66 -23.27
CA TYR A 94 -9.78 -5.53 -24.05
C TYR A 94 -9.63 -6.28 -25.36
N TYR A 95 -10.46 -7.30 -25.55
CA TYR A 95 -10.49 -8.07 -26.78
C TYR A 95 -11.64 -7.65 -27.66
N CYS A 96 -11.45 -7.81 -28.96
CA CYS A 96 -12.49 -7.65 -29.96
CA CYS A 96 -12.52 -7.66 -29.94
C CYS A 96 -12.82 -9.02 -30.55
N ALA A 97 -14.10 -9.31 -30.71
CA ALA A 97 -14.50 -10.64 -31.15
C ALA A 97 -15.64 -10.54 -32.16
N LYS A 98 -15.61 -11.44 -33.14
CA LYS A 98 -16.60 -11.47 -34.21
C LYS A 98 -17.72 -12.42 -33.86
N ALA A 99 -18.95 -12.00 -34.15
CA ALA A 99 -20.12 -12.81 -33.85
C ALA A 99 -20.11 -14.10 -34.68
N TYR A 100 -20.85 -15.10 -34.18
CA TYR A 100 -20.93 -16.37 -34.87
C TYR A 100 -21.70 -16.23 -36.19
N ARG A 101 -21.36 -17.08 -37.15
CA ARG A 101 -21.96 -16.99 -38.48
C ARG A 101 -23.47 -17.17 -38.42
N THR A 102 -24.14 -16.65 -39.45
CA THR A 102 -25.59 -16.76 -39.55
C THR A 102 -26.02 -18.22 -39.72
N SER A 103 -27.01 -18.63 -38.94
CA SER A 103 -27.66 -19.92 -39.12
C SER A 103 -29.14 -19.75 -38.79
N LEU A 104 -29.82 -20.88 -38.60
CA LEU A 104 -31.22 -20.86 -38.19
C LEU A 104 -31.40 -20.59 -36.70
N ASP A 105 -30.31 -20.48 -35.94
CA ASP A 105 -30.40 -20.21 -34.52
C ASP A 105 -30.96 -18.82 -34.26
N LYS A 106 -31.61 -18.66 -33.11
CA LYS A 106 -32.12 -17.37 -32.67
C LYS A 106 -31.21 -16.68 -31.64
N LYS A 107 -30.16 -17.37 -31.18
CA LYS A 107 -29.19 -16.82 -30.24
C LYS A 107 -27.80 -16.97 -30.83
N TYR A 108 -26.94 -15.99 -30.56
CA TYR A 108 -25.63 -15.94 -31.21
C TYR A 108 -24.54 -15.57 -30.22
N GLY A 109 -23.48 -16.37 -30.22
CA GLY A 109 -22.27 -16.08 -29.49
C GLY A 109 -21.18 -15.51 -30.38
N MET A 110 -19.93 -15.84 -30.05
CA MET A 110 -18.77 -15.37 -30.80
CA MET A 110 -18.79 -15.37 -30.82
C MET A 110 -17.86 -16.55 -31.11
N ASP A 111 -17.04 -16.40 -32.14
CA ASP A 111 -16.14 -17.48 -32.52
C ASP A 111 -14.67 -17.09 -32.47
N VAL A 112 -14.27 -15.95 -33.04
CA VAL A 112 -12.86 -15.59 -33.14
C VAL A 112 -12.62 -14.28 -32.40
N TRP A 113 -11.58 -14.25 -31.57
CA TRP A 113 -11.16 -13.07 -30.84
C TRP A 113 -9.82 -12.58 -31.37
N GLY A 114 -9.54 -11.30 -31.13
CA GLY A 114 -8.24 -10.73 -31.41
C GLY A 114 -7.25 -11.02 -30.31
N GLN A 115 -6.05 -10.44 -30.46
CA GLN A 115 -4.97 -10.74 -29.54
C GLN A 115 -5.10 -9.95 -28.23
N GLY A 116 -5.76 -8.82 -28.26
CA GLY A 116 -6.00 -8.05 -27.05
C GLY A 116 -5.13 -6.81 -27.00
N THR A 117 -5.64 -5.78 -26.34
CA THR A 117 -4.89 -4.57 -26.07
C THR A 117 -5.14 -4.17 -24.62
N THR A 118 -4.08 -3.75 -23.93
CA THR A 118 -4.15 -3.53 -22.49
C THR A 118 -4.46 -2.06 -22.20
N VAL A 119 -5.47 -1.84 -21.35
CA VAL A 119 -5.82 -0.51 -20.87
C VAL A 119 -5.58 -0.50 -19.37
N THR A 120 -4.64 0.34 -18.92
CA THR A 120 -4.33 0.50 -17.52
C THR A 120 -4.77 1.90 -17.09
N VAL A 121 -5.68 1.96 -16.12
CA VAL A 121 -6.17 3.22 -15.58
C VAL A 121 -5.64 3.34 -14.15
N SER A 122 -4.89 4.41 -13.88
CA SER A 122 -4.28 4.59 -12.59
C SER A 122 -3.89 6.06 -12.41
N SER A 123 -3.99 6.54 -11.18
CA SER A 123 -3.55 7.89 -10.84
C SER A 123 -2.07 7.96 -10.51
N ALA A 124 -1.35 6.85 -10.63
CA ALA A 124 0.09 6.87 -10.40
C ALA A 124 0.82 7.52 -11.57
N SER A 125 1.97 8.11 -11.26
CA SER A 125 2.80 8.76 -12.26
CA SER A 125 2.80 8.77 -12.25
C SER A 125 4.03 7.92 -12.56
N THR A 126 4.60 8.14 -13.74
CA THR A 126 5.74 7.35 -14.18
C THR A 126 6.91 7.48 -13.20
N LYS A 127 7.53 6.35 -12.90
CA LYS A 127 8.66 6.30 -11.99
C LYS A 127 9.60 5.18 -12.42
N GLY A 128 10.89 5.48 -12.43
CA GLY A 128 11.89 4.48 -12.70
C GLY A 128 12.03 3.51 -11.55
N PRO A 129 12.50 2.30 -11.83
CA PRO A 129 12.72 1.33 -10.76
C PRO A 129 14.05 1.56 -10.04
N SER A 130 14.07 1.16 -8.78
CA SER A 130 15.32 1.01 -8.04
C SER A 130 15.75 -0.44 -8.14
N VAL A 131 17.02 -0.67 -8.43
CA VAL A 131 17.55 -2.01 -8.68
C VAL A 131 18.57 -2.32 -7.60
N PHE A 132 18.25 -3.30 -6.75
CA PHE A 132 19.11 -3.71 -5.66
C PHE A 132 19.53 -5.17 -5.83
N PRO A 133 20.77 -5.52 -5.51
CA PRO A 133 21.22 -6.90 -5.71
C PRO A 133 20.69 -7.84 -4.64
N LEU A 134 20.47 -9.08 -5.04
CA LEU A 134 20.15 -10.17 -4.12
C LEU A 134 21.42 -11.02 -4.01
N ALA A 135 22.22 -10.71 -2.99
CA ALA A 135 23.57 -11.26 -2.92
C ALA A 135 23.53 -12.74 -2.60
N PRO A 136 24.22 -13.59 -3.37
CA PRO A 136 24.38 -14.99 -2.98
C PRO A 136 25.23 -15.10 -1.73
N SER A 137 25.01 -16.17 -0.98
CA SER A 137 25.74 -16.45 0.25
C SER A 137 25.43 -17.88 0.67
N SER A 138 25.93 -18.28 1.84
CA SER A 138 25.64 -19.62 2.34
C SER A 138 24.15 -19.84 2.59
N LYS A 139 23.39 -18.77 2.75
CA LYS A 139 21.95 -18.87 2.99
C LYS A 139 21.14 -18.85 1.69
N SER A 140 21.81 -18.85 0.53
CA SER A 140 21.13 -18.97 -0.75
C SER A 140 21.75 -20.08 -1.60
N THR A 141 22.36 -21.08 -0.96
CA THR A 141 22.90 -22.23 -1.66
C THR A 141 22.33 -23.52 -1.08
N SER A 142 22.31 -24.55 -1.92
CA SER A 142 22.04 -25.92 -1.46
C SER A 142 22.64 -26.86 -2.49
N GLY A 143 23.61 -27.66 -2.05
CA GLY A 143 24.17 -28.72 -2.86
C GLY A 143 24.84 -28.30 -4.15
N GLY A 144 25.75 -27.33 -4.08
CA GLY A 144 26.55 -26.96 -5.22
C GLY A 144 25.95 -25.89 -6.12
N THR A 145 24.68 -25.54 -5.94
CA THR A 145 24.06 -24.48 -6.70
C THR A 145 23.74 -23.31 -5.78
N ALA A 146 23.94 -22.10 -6.28
CA ALA A 146 23.72 -20.87 -5.54
C ALA A 146 22.71 -20.01 -6.27
N ALA A 147 21.84 -19.36 -5.51
CA ALA A 147 20.85 -18.44 -6.07
C ALA A 147 21.30 -17.00 -5.83
N LEU A 148 21.13 -16.17 -6.86
CA LEU A 148 21.36 -14.74 -6.78
C LEU A 148 20.31 -14.05 -7.63
N GLY A 149 20.27 -12.72 -7.57
CA GLY A 149 19.30 -12.02 -8.37
C GLY A 149 19.28 -10.53 -8.08
N CYS A 150 18.22 -9.90 -8.58
CA CYS A 150 18.04 -8.45 -8.47
CA CYS A 150 18.04 -8.46 -8.44
C CYS A 150 16.60 -8.15 -8.08
N LEU A 151 16.43 -7.13 -7.25
CA LEU A 151 15.11 -6.66 -6.84
C LEU A 151 14.81 -5.39 -7.61
N VAL A 152 13.79 -5.45 -8.48
CA VAL A 152 13.36 -4.32 -9.30
C VAL A 152 12.13 -3.74 -8.62
N LYS A 153 12.32 -2.67 -7.85
CA LYS A 153 11.34 -2.24 -6.85
C LYS A 153 10.78 -0.86 -7.16
N ASP A 154 9.47 -0.73 -7.00
CA ASP A 154 8.76 0.56 -6.96
C ASP A 154 8.89 1.33 -8.28
N TYR A 155 8.32 0.75 -9.34
CA TYR A 155 8.28 1.38 -10.64
C TYR A 155 6.85 1.40 -11.16
N PHE A 156 6.61 2.27 -12.15
CA PHE A 156 5.30 2.37 -12.79
C PHE A 156 5.49 3.08 -14.12
N PRO A 157 4.83 2.62 -15.20
CA PRO A 157 3.97 1.43 -15.23
C PRO A 157 4.70 0.21 -15.75
N GLU A 158 3.95 -0.87 -16.02
CA GLU A 158 4.52 -2.02 -16.69
C GLU A 158 4.85 -1.67 -18.14
N PRO A 159 5.86 -2.33 -18.74
CA PRO A 159 6.70 -3.38 -18.19
C PRO A 159 8.16 -2.98 -17.97
N VAL A 160 8.94 -3.91 -17.43
CA VAL A 160 10.40 -3.81 -17.42
C VAL A 160 10.95 -5.09 -18.02
N THR A 161 12.00 -4.96 -18.82
CA THR A 161 12.72 -6.12 -19.34
C THR A 161 13.98 -6.34 -18.52
N VAL A 162 14.27 -7.60 -18.21
CA VAL A 162 15.41 -7.96 -17.38
C VAL A 162 16.21 -9.04 -18.10
N SER A 163 17.49 -8.76 -18.35
CA SER A 163 18.42 -9.73 -18.91
C SER A 163 19.60 -9.87 -17.96
N TRP A 164 20.43 -10.88 -18.22
CA TRP A 164 21.59 -11.15 -17.38
C TRP A 164 22.84 -11.21 -18.25
N ASN A 165 23.90 -10.55 -17.78
CA ASN A 165 25.15 -10.41 -18.52
C ASN A 165 24.90 -9.98 -19.96
N SER A 166 24.06 -8.96 -20.12
CA SER A 166 23.69 -8.41 -21.42
C SER A 166 23.05 -9.45 -22.32
N GLY A 167 22.33 -10.40 -21.72
CA GLY A 167 21.67 -11.45 -22.47
C GLY A 167 22.50 -12.69 -22.71
N ALA A 168 23.77 -12.70 -22.28
CA ALA A 168 24.62 -13.86 -22.49
C ALA A 168 24.24 -15.04 -21.59
N LEU A 169 23.61 -14.76 -20.44
CA LEU A 169 23.19 -15.80 -19.50
C LEU A 169 21.68 -15.96 -19.59
N THR A 170 21.25 -17.14 -20.03
CA THR A 170 19.82 -17.42 -20.22
C THR A 170 19.33 -18.65 -19.48
N SER A 171 20.22 -19.51 -18.97
CA SER A 171 19.80 -20.71 -18.26
C SER A 171 19.64 -20.43 -16.77
N GLY A 172 18.70 -21.15 -16.15
CA GLY A 172 18.47 -21.01 -14.72
C GLY A 172 17.83 -19.71 -14.30
N VAL A 173 17.32 -18.92 -15.24
CA VAL A 173 16.76 -17.61 -14.92
C VAL A 173 15.27 -17.76 -14.64
N HIS A 174 14.83 -17.18 -13.52
CA HIS A 174 13.42 -17.11 -13.14
C HIS A 174 13.09 -15.65 -12.89
N THR A 175 12.33 -15.04 -13.81
CA THR A 175 11.88 -13.66 -13.64
C THR A 175 10.40 -13.69 -13.24
N PHE A 176 10.13 -13.29 -11.99
CA PHE A 176 8.80 -13.44 -11.42
C PHE A 176 7.84 -12.38 -11.95
N PRO A 177 6.55 -12.72 -12.05
CA PRO A 177 5.56 -11.71 -12.41
C PRO A 177 5.58 -10.56 -11.42
N ALA A 178 5.45 -9.35 -11.93
CA ALA A 178 5.44 -8.17 -11.08
C ALA A 178 4.17 -8.16 -10.23
N VAL A 179 4.30 -7.66 -9.00
CA VAL A 179 3.15 -7.47 -8.13
C VAL A 179 2.82 -5.99 -8.07
N LEU A 180 1.53 -5.68 -8.07
CA LEU A 180 1.07 -4.31 -7.91
C LEU A 180 0.92 -4.03 -6.43
N GLN A 181 1.80 -3.19 -5.89
CA GLN A 181 1.75 -2.86 -4.48
C GLN A 181 0.57 -1.92 -4.22
N SER A 182 0.22 -1.78 -2.94
CA SER A 182 -0.89 -0.90 -2.58
C SER A 182 -0.57 0.57 -2.81
N SER A 183 0.69 0.91 -3.06
CA SER A 183 1.09 2.26 -3.39
C SER A 183 0.71 2.67 -4.81
N GLY A 184 0.36 1.71 -5.66
CA GLY A 184 0.20 1.95 -7.08
C GLY A 184 1.42 1.63 -7.90
N LEU A 185 2.53 1.28 -7.26
CA LEU A 185 3.78 0.94 -7.92
C LEU A 185 3.94 -0.57 -7.99
N TYR A 186 4.74 -1.01 -8.96
CA TYR A 186 5.02 -2.43 -9.16
C TYR A 186 6.41 -2.77 -8.61
N SER A 187 6.63 -4.06 -8.41
CA SER A 187 7.93 -4.58 -8.01
CA SER A 187 7.93 -4.59 -8.01
C SER A 187 8.04 -6.03 -8.48
N LEU A 188 9.25 -6.42 -8.87
CA LEU A 188 9.48 -7.80 -9.26
C LEU A 188 10.89 -8.20 -8.87
N SER A 189 11.13 -9.51 -8.88
CA SER A 189 12.45 -10.06 -8.62
C SER A 189 12.82 -11.01 -9.75
N SER A 190 14.08 -10.95 -10.16
CA SER A 190 14.66 -11.86 -11.13
C SER A 190 15.79 -12.61 -10.45
N VAL A 191 15.74 -13.94 -10.47
CA VAL A 191 16.75 -14.77 -9.83
C VAL A 191 17.38 -15.68 -10.87
N VAL A 192 18.57 -16.16 -10.54
CA VAL A 192 19.27 -17.14 -11.38
C VAL A 192 20.03 -18.08 -10.46
N THR A 193 20.00 -19.37 -10.80
CA THR A 193 20.73 -20.39 -10.05
C THR A 193 21.99 -20.75 -10.82
N VAL A 194 23.13 -20.66 -10.14
CA VAL A 194 24.44 -20.85 -10.76
C VAL A 194 25.23 -21.84 -9.90
N PRO A 195 26.29 -22.43 -10.46
CA PRO A 195 27.15 -23.28 -9.63
C PRO A 195 27.82 -22.48 -8.54
N SER A 196 27.90 -23.07 -7.34
CA SER A 196 28.58 -22.40 -6.23
C SER A 196 30.04 -22.12 -6.57
N SER A 197 30.68 -23.03 -7.30
CA SER A 197 32.09 -22.89 -7.62
C SER A 197 32.37 -21.69 -8.53
N SER A 198 31.35 -21.16 -9.21
CA SER A 198 31.56 -20.10 -10.19
C SER A 198 31.60 -18.72 -9.56
N LEU A 199 31.11 -18.56 -8.33
CA LEU A 199 30.97 -17.23 -7.77
C LEU A 199 32.30 -16.51 -7.64
N GLY A 200 33.40 -17.26 -7.45
CA GLY A 200 34.70 -16.63 -7.35
C GLY A 200 35.30 -16.20 -8.66
N THR A 201 34.84 -16.78 -9.78
CA THR A 201 35.46 -16.55 -11.07
C THR A 201 34.51 -16.07 -12.16
N GLN A 202 33.22 -15.92 -11.87
CA GLN A 202 32.24 -15.49 -12.86
C GLN A 202 31.50 -14.26 -12.34
N THR A 203 31.41 -13.23 -13.17
CA THR A 203 30.70 -12.01 -12.82
C THR A 203 29.27 -12.07 -13.33
N TYR A 204 28.34 -11.62 -12.48
CA TYR A 204 26.91 -11.63 -12.80
C TYR A 204 26.36 -10.21 -12.69
N ILE A 205 25.80 -9.72 -13.78
CA ILE A 205 25.21 -8.39 -13.86
C ILE A 205 23.81 -8.51 -14.42
N CYS A 206 22.83 -7.95 -13.71
CA CYS A 206 21.47 -7.89 -14.22
C CYS A 206 21.27 -6.58 -14.95
N ASN A 207 20.58 -6.65 -16.09
CA ASN A 207 20.34 -5.48 -16.93
C ASN A 207 18.85 -5.21 -16.96
N VAL A 208 18.45 -4.05 -16.44
CA VAL A 208 17.06 -3.67 -16.32
C VAL A 208 16.80 -2.48 -17.23
N ASN A 209 15.71 -2.54 -17.99
CA ASN A 209 15.29 -1.45 -18.85
C ASN A 209 13.83 -1.13 -18.58
N HIS A 210 13.53 0.16 -18.36
CA HIS A 210 12.18 0.64 -18.10
C HIS A 210 11.92 1.76 -19.10
N LYS A 211 11.36 1.39 -20.26
CA LYS A 211 11.17 2.36 -21.34
C LYS A 211 10.28 3.54 -20.96
N PRO A 212 9.17 3.37 -20.22
CA PRO A 212 8.35 4.55 -19.88
C PRO A 212 9.12 5.65 -19.15
N SER A 213 10.21 5.33 -18.46
CA SER A 213 11.02 6.34 -17.80
C SER A 213 12.41 6.48 -18.42
N ASN A 214 12.63 5.88 -19.60
CA ASN A 214 13.93 5.90 -20.26
CA ASN A 214 13.93 5.92 -20.25
C ASN A 214 15.05 5.52 -19.29
N THR A 215 14.75 4.56 -18.42
CA THR A 215 15.68 4.09 -17.40
C THR A 215 16.31 2.78 -17.83
N LYS A 216 17.63 2.68 -17.73
CA LYS A 216 18.30 1.40 -17.87
C LYS A 216 19.45 1.34 -16.89
N VAL A 217 19.51 0.26 -16.11
CA VAL A 217 20.45 0.11 -15.02
C VAL A 217 21.18 -1.22 -15.17
N ASP A 218 22.49 -1.19 -14.97
CA ASP A 218 23.30 -2.40 -14.83
C ASP A 218 23.73 -2.51 -13.38
N LYS A 219 23.40 -3.63 -12.74
CA LYS A 219 23.69 -3.82 -11.32
C LYS A 219 24.51 -5.10 -11.16
N LYS A 220 25.78 -4.94 -10.80
CA LYS A 220 26.62 -6.09 -10.52
C LYS A 220 26.18 -6.72 -9.21
N VAL A 221 26.03 -8.05 -9.20
CA VAL A 221 25.58 -8.79 -8.03
C VAL A 221 26.77 -9.57 -7.48
N GLU A 222 27.19 -9.23 -6.27
CA GLU A 222 28.38 -9.81 -5.68
C GLU A 222 28.02 -10.64 -4.46
N PRO A 223 28.75 -11.73 -4.21
CA PRO A 223 28.46 -12.57 -3.05
C PRO A 223 28.69 -11.82 -1.75
N LYS A 224 28.03 -12.30 -0.70
CA LYS A 224 28.23 -11.78 0.65
C LYS A 224 29.00 -12.80 1.48
N SER A 225 29.74 -12.30 2.48
CA SER A 225 30.61 -13.14 3.31
C SER A 225 29.84 -13.62 4.54
N CYS A 226 28.85 -14.46 4.29
CA CYS A 226 28.06 -15.06 5.36
C CYS A 226 27.40 -16.36 4.91
N ASP B 1 -27.40 -11.11 -15.78
CA ASP B 1 -28.12 -11.61 -14.62
C ASP B 1 -28.14 -13.14 -14.58
N ILE B 2 -27.55 -13.76 -15.61
CA ILE B 2 -27.32 -15.19 -15.62
C ILE B 2 -25.88 -15.42 -15.16
N GLN B 3 -25.72 -16.00 -13.98
CA GLN B 3 -24.40 -16.22 -13.41
C GLN B 3 -23.93 -17.64 -13.76
N MET B 4 -22.72 -17.73 -14.30
CA MET B 4 -22.11 -19.01 -14.63
C MET B 4 -21.01 -19.31 -13.62
N THR B 5 -21.09 -20.50 -13.01
CA THR B 5 -20.09 -20.93 -12.04
C THR B 5 -19.56 -22.30 -12.45
N GLN B 6 -18.24 -22.46 -12.44
CA GLN B 6 -17.58 -23.69 -12.82
C GLN B 6 -17.01 -24.39 -11.60
N SER B 7 -16.67 -25.67 -11.78
CA SER B 7 -16.04 -26.46 -10.73
C SER B 7 -15.27 -27.62 -11.36
N PRO B 8 -14.09 -27.96 -10.84
CA PRO B 8 -13.41 -27.23 -9.76
C PRO B 8 -12.73 -25.98 -10.29
N SER B 9 -12.15 -25.15 -9.42
CA SER B 9 -11.39 -24.00 -9.93
C SER B 9 -10.02 -24.44 -10.45
N THR B 10 -9.43 -25.46 -9.83
CA THR B 10 -8.16 -26.01 -10.25
C THR B 10 -8.29 -27.53 -10.32
N LEU B 11 -7.82 -28.11 -11.42
CA LEU B 11 -7.87 -29.55 -11.64
C LEU B 11 -6.48 -30.02 -12.00
N SER B 12 -5.93 -30.93 -11.20
CA SER B 12 -4.59 -31.46 -11.40
C SER B 12 -4.69 -32.85 -12.00
N ALA B 13 -4.06 -33.06 -13.15
CA ALA B 13 -4.19 -34.32 -13.87
C ALA B 13 -2.91 -34.59 -14.65
N SER B 14 -2.80 -35.82 -15.14
CA SER B 14 -1.63 -36.27 -15.87
C SER B 14 -1.97 -36.47 -17.35
N VAL B 15 -0.94 -36.50 -18.18
CA VAL B 15 -1.11 -36.83 -19.59
C VAL B 15 -1.74 -38.21 -19.70
N GLY B 16 -2.82 -38.31 -20.47
CA GLY B 16 -3.53 -39.55 -20.65
C GLY B 16 -4.74 -39.73 -19.75
N ASP B 17 -4.92 -38.86 -18.77
CA ASP B 17 -6.06 -38.95 -17.87
C ASP B 17 -7.32 -38.45 -18.56
N ARG B 18 -8.46 -39.00 -18.14
CA ARG B 18 -9.77 -38.48 -18.54
C ARG B 18 -10.23 -37.48 -17.49
N VAL B 19 -10.47 -36.24 -17.93
CA VAL B 19 -10.87 -35.18 -17.02
C VAL B 19 -12.23 -34.63 -17.45
N THR B 20 -12.98 -34.14 -16.47
CA THR B 20 -14.29 -33.56 -16.70
C THR B 20 -14.38 -32.24 -15.94
N ILE B 21 -14.96 -31.24 -16.58
CA ILE B 21 -15.19 -29.93 -15.97
C ILE B 21 -16.68 -29.65 -16.05
N THR B 22 -17.24 -29.11 -14.96
CA THR B 22 -18.67 -28.82 -14.89
C THR B 22 -18.90 -27.31 -14.88
N CYS B 23 -19.96 -26.89 -15.56
CA CYS B 23 -20.39 -25.50 -15.60
C CYS B 23 -21.87 -25.47 -15.25
N ARG B 24 -22.26 -24.51 -14.42
CA ARG B 24 -23.62 -24.43 -13.91
C ARG B 24 -24.15 -23.02 -14.14
N ALA B 25 -25.34 -22.92 -14.73
CA ALA B 25 -26.00 -21.64 -14.98
C ALA B 25 -27.06 -21.39 -13.93
N SER B 26 -27.12 -20.15 -13.44
CA SER B 26 -28.08 -19.82 -12.38
C SER B 26 -29.52 -19.95 -12.84
N GLN B 27 -29.78 -19.87 -14.15
CA GLN B 27 -31.09 -20.18 -14.70
C GLN B 27 -30.88 -20.90 -16.03
N SER B 28 -31.99 -21.42 -16.57
CA SER B 28 -31.91 -22.25 -17.77
C SER B 28 -31.44 -21.43 -18.96
N ILE B 29 -30.56 -22.02 -19.77
CA ILE B 29 -30.02 -21.38 -20.96
C ILE B 29 -30.15 -22.30 -22.15
N ALA B 30 -30.95 -23.35 -22.02
CA ALA B 30 -31.17 -24.36 -23.07
C ALA B 30 -29.81 -24.93 -23.46
N SER B 31 -29.36 -24.80 -24.71
CA SER B 31 -28.05 -25.26 -25.13
C SER B 31 -27.13 -24.12 -25.53
N TRP B 32 -27.50 -22.87 -25.21
CA TRP B 32 -26.72 -21.70 -25.62
C TRP B 32 -25.49 -21.55 -24.73
N LEU B 33 -24.57 -22.51 -24.88
CA LEU B 33 -23.39 -22.62 -24.04
C LEU B 33 -22.16 -22.83 -24.92
N ALA B 34 -21.10 -22.07 -24.65
CA ALA B 34 -19.86 -22.17 -25.39
C ALA B 34 -18.71 -22.45 -24.43
N TRP B 35 -17.77 -23.28 -24.87
CA TRP B 35 -16.58 -23.61 -24.09
C TRP B 35 -15.36 -23.00 -24.76
N TYR B 36 -14.55 -22.29 -23.97
CA TYR B 36 -13.36 -21.62 -24.45
C TYR B 36 -12.12 -22.19 -23.78
N GLN B 37 -11.00 -22.14 -24.50
CA GLN B 37 -9.70 -22.50 -23.97
C GLN B 37 -8.80 -21.28 -24.02
N GLN B 38 -7.98 -21.10 -22.97
CA GLN B 38 -7.04 -19.98 -22.94
C GLN B 38 -5.76 -20.43 -22.26
N LYS B 39 -4.63 -20.15 -22.90
CA LYS B 39 -3.32 -20.34 -22.31
C LYS B 39 -2.71 -18.97 -21.97
N PRO B 40 -1.81 -18.91 -21.00
CA PRO B 40 -1.32 -17.61 -20.52
C PRO B 40 -0.77 -16.75 -21.65
N GLY B 41 -1.19 -15.48 -21.67
CA GLY B 41 -0.73 -14.55 -22.68
C GLY B 41 -1.45 -14.63 -24.00
N LYS B 42 -2.39 -15.55 -24.16
CA LYS B 42 -3.12 -15.74 -25.41
C LYS B 42 -4.60 -15.48 -25.20
N ALA B 43 -5.27 -15.05 -26.27
CA ALA B 43 -6.70 -14.82 -26.22
C ALA B 43 -7.45 -16.13 -26.02
N PRO B 44 -8.69 -16.07 -25.53
CA PRO B 44 -9.51 -17.28 -25.45
C PRO B 44 -9.81 -17.82 -26.83
N LYS B 45 -9.90 -19.14 -26.91
CA LYS B 45 -10.18 -19.84 -28.17
C LYS B 45 -11.42 -20.70 -28.00
N LEU B 46 -12.38 -20.52 -28.91
CA LEU B 46 -13.61 -21.29 -28.89
C LEU B 46 -13.32 -22.74 -29.26
N LEU B 47 -13.71 -23.66 -28.40
CA LEU B 47 -13.59 -25.09 -28.67
C LEU B 47 -14.92 -25.75 -28.98
N ILE B 48 -15.96 -25.42 -28.23
CA ILE B 48 -17.27 -26.05 -28.35
C ILE B 48 -18.33 -24.94 -28.41
N TYR B 49 -19.25 -25.06 -29.37
CA TYR B 49 -20.33 -24.10 -29.54
C TYR B 49 -21.67 -24.82 -29.42
N LYS B 50 -22.64 -24.16 -28.80
CA LYS B 50 -23.98 -24.70 -28.60
C LYS B 50 -23.91 -26.04 -27.86
N ALA B 51 -23.15 -26.04 -26.77
CA ALA B 51 -23.08 -27.13 -25.79
C ALA B 51 -22.21 -28.31 -26.22
N SER B 52 -22.39 -28.81 -27.44
CA SER B 52 -21.80 -30.10 -27.81
C SER B 52 -21.08 -30.14 -29.15
N SER B 53 -21.07 -29.06 -29.92
CA SER B 53 -20.51 -29.05 -31.27
CA SER B 53 -20.51 -29.05 -31.27
C SER B 53 -19.07 -28.55 -31.22
N LEU B 54 -18.12 -29.45 -31.52
CA LEU B 54 -16.73 -29.05 -31.62
C LEU B 54 -16.54 -28.13 -32.80
N GLU B 55 -15.69 -27.11 -32.63
CA GLU B 55 -15.33 -26.26 -33.74
C GLU B 55 -14.34 -26.97 -34.65
N SER B 56 -14.12 -26.41 -35.83
CA SER B 56 -13.17 -26.99 -36.77
C SER B 56 -11.77 -26.98 -36.19
N GLY B 57 -11.05 -28.09 -36.39
CA GLY B 57 -9.69 -28.21 -35.90
C GLY B 57 -9.56 -28.69 -34.47
N VAL B 58 -10.65 -28.78 -33.72
CA VAL B 58 -10.57 -29.26 -32.34
C VAL B 58 -10.51 -30.79 -32.36
N PRO B 59 -9.53 -31.39 -31.69
CA PRO B 59 -9.43 -32.86 -31.68
C PRO B 59 -10.64 -33.52 -31.06
N SER B 60 -10.93 -34.75 -31.52
CA SER B 60 -12.14 -35.46 -31.12
C SER B 60 -12.15 -35.82 -29.65
N ARG B 61 -11.01 -35.78 -28.97
CA ARG B 61 -10.96 -36.11 -27.55
C ARG B 61 -11.72 -35.10 -26.72
N PHE B 62 -11.96 -33.90 -27.23
CA PHE B 62 -12.82 -32.94 -26.55
C PHE B 62 -14.28 -33.21 -26.86
N SER B 63 -15.14 -33.00 -25.87
CA SER B 63 -16.58 -33.10 -26.09
C SER B 63 -17.30 -32.40 -24.94
N GLY B 64 -18.51 -31.93 -25.24
CA GLY B 64 -19.32 -31.27 -24.24
C GLY B 64 -20.73 -31.84 -24.24
N SER B 65 -21.40 -31.65 -23.11
CA SER B 65 -22.77 -32.13 -22.95
CA SER B 65 -22.77 -32.13 -22.95
C SER B 65 -23.50 -31.20 -22.01
N GLY B 66 -24.82 -31.37 -21.95
CA GLY B 66 -25.64 -30.57 -21.06
C GLY B 66 -26.73 -29.77 -21.76
N SER B 67 -27.78 -29.44 -21.01
CA SER B 67 -28.88 -28.63 -21.54
C SER B 67 -29.67 -28.12 -20.36
N GLY B 68 -29.91 -26.81 -20.32
CA GLY B 68 -30.63 -26.22 -19.21
C GLY B 68 -29.73 -25.44 -18.27
N THR B 69 -29.33 -26.05 -17.15
CA THR B 69 -28.47 -25.39 -16.17
C THR B 69 -27.17 -26.13 -15.88
N GLU B 70 -27.05 -27.41 -16.23
CA GLU B 70 -25.87 -28.20 -15.91
C GLU B 70 -25.15 -28.58 -17.20
N PHE B 71 -23.85 -28.28 -17.26
CA PHE B 71 -23.06 -28.51 -18.46
C PHE B 71 -21.72 -29.13 -18.07
N THR B 72 -21.15 -29.87 -19.01
CA THR B 72 -19.93 -30.62 -18.76
CA THR B 72 -19.92 -30.62 -18.76
C THR B 72 -19.02 -30.57 -19.99
N LEU B 73 -17.73 -30.40 -19.74
CA LEU B 73 -16.70 -30.49 -20.76
C LEU B 73 -15.79 -31.65 -20.41
N THR B 74 -15.48 -32.49 -21.39
CA THR B 74 -14.75 -33.73 -21.13
C THR B 74 -13.61 -33.88 -22.14
N ILE B 75 -12.45 -34.30 -21.64
CA ILE B 75 -11.29 -34.63 -22.45
C ILE B 75 -11.00 -36.10 -22.21
N SER B 76 -11.25 -36.93 -23.23
CA SER B 76 -11.19 -38.38 -23.05
C SER B 76 -9.80 -38.83 -22.65
N SER B 77 -8.76 -38.23 -23.22
CA SER B 77 -7.38 -38.58 -22.89
C SER B 77 -6.57 -37.29 -22.94
N LEU B 78 -6.07 -36.86 -21.78
CA LEU B 78 -5.41 -35.57 -21.69
C LEU B 78 -4.10 -35.57 -22.47
N HIS B 79 -3.91 -34.56 -23.31
CA HIS B 79 -2.82 -34.27 -24.21
C HIS B 79 -1.96 -33.14 -23.65
N PRO B 80 -0.64 -33.17 -23.85
CA PRO B 80 0.21 -32.09 -23.33
C PRO B 80 -0.25 -30.69 -23.72
N ASP B 81 -0.90 -30.53 -24.87
CA ASP B 81 -1.40 -29.22 -25.28
C ASP B 81 -2.69 -28.81 -24.58
N ASP B 82 -3.31 -29.68 -23.78
CA ASP B 82 -4.61 -29.39 -23.21
C ASP B 82 -4.54 -28.67 -21.86
N PHE B 83 -3.36 -28.64 -21.23
CA PHE B 83 -3.23 -27.97 -19.94
C PHE B 83 -3.38 -26.47 -20.15
N ALA B 84 -4.48 -25.92 -19.63
CA ALA B 84 -4.82 -24.52 -19.80
C ALA B 84 -5.98 -24.22 -18.85
N THR B 85 -6.57 -23.03 -19.00
CA THR B 85 -7.78 -22.66 -18.28
C THR B 85 -8.97 -22.72 -19.24
N TYR B 86 -10.09 -23.23 -18.74
CA TYR B 86 -11.29 -23.41 -19.54
C TYR B 86 -12.42 -22.57 -18.99
N PHE B 87 -13.10 -21.84 -19.87
CA PHE B 87 -14.22 -20.98 -19.50
C PHE B 87 -15.48 -21.45 -20.20
N CYS B 88 -16.61 -21.38 -19.52
CA CYS B 88 -17.90 -21.54 -20.17
C CYS B 88 -18.56 -20.19 -20.34
N GLN B 89 -19.47 -20.10 -21.32
CA GLN B 89 -20.12 -18.85 -21.65
C GLN B 89 -21.53 -19.13 -22.14
N GLN B 90 -22.52 -18.45 -21.56
CA GLN B 90 -23.88 -18.47 -22.07
C GLN B 90 -24.08 -17.30 -23.01
N PHE B 91 -24.79 -17.55 -24.11
CA PHE B 91 -25.07 -16.49 -25.07
C PHE B 91 -26.56 -16.38 -25.38
N THR B 92 -27.42 -16.61 -24.39
CA THR B 92 -28.85 -16.41 -24.58
C THR B 92 -29.34 -15.06 -24.06
N SER B 93 -28.75 -14.54 -22.99
CA SER B 93 -29.16 -13.27 -22.39
C SER B 93 -27.89 -12.45 -22.11
N TYR B 94 -27.55 -11.56 -23.03
CA TYR B 94 -26.24 -10.91 -23.06
C TYR B 94 -25.19 -12.03 -23.14
N TRP B 95 -24.00 -11.80 -22.60
CA TRP B 95 -22.93 -12.79 -22.61
C TRP B 95 -22.18 -12.72 -21.30
N THR B 96 -22.23 -13.81 -20.54
CA THR B 96 -21.55 -13.90 -19.25
C THR B 96 -20.74 -15.18 -19.20
N PHE B 97 -19.63 -15.14 -18.45
CA PHE B 97 -18.67 -16.22 -18.42
C PHE B 97 -18.57 -16.82 -17.03
N GLY B 98 -18.08 -18.06 -16.98
CA GLY B 98 -17.67 -18.64 -15.72
C GLY B 98 -16.34 -18.08 -15.26
N GLN B 99 -15.95 -18.45 -14.04
CA GLN B 99 -14.71 -17.93 -13.49
C GLN B 99 -13.47 -18.71 -13.94
N GLY B 100 -13.64 -19.80 -14.65
CA GLY B 100 -12.53 -20.54 -15.20
C GLY B 100 -12.18 -21.76 -14.38
N THR B 101 -11.62 -22.77 -15.06
CA THR B 101 -11.10 -23.97 -14.43
C THR B 101 -9.71 -24.23 -15.01
N LYS B 102 -8.68 -24.09 -14.19
CA LYS B 102 -7.33 -24.34 -14.65
C LYS B 102 -7.05 -25.84 -14.59
N VAL B 103 -6.68 -26.41 -15.72
CA VAL B 103 -6.23 -27.80 -15.78
C VAL B 103 -4.70 -27.77 -15.68
N GLU B 104 -4.18 -28.27 -14.57
CA GLU B 104 -2.77 -28.14 -14.22
C GLU B 104 -2.11 -29.50 -14.21
N ILE B 105 -0.80 -29.52 -14.49
CA ILE B 105 -0.03 -30.76 -14.57
C ILE B 105 0.19 -31.31 -13.17
N LYS B 106 -0.14 -32.59 -12.98
CA LYS B 106 0.01 -33.26 -11.68
C LYS B 106 1.25 -34.13 -11.72
N ARG B 107 2.30 -33.68 -11.02
CA ARG B 107 3.53 -34.45 -10.87
C ARG B 107 3.69 -34.85 -9.41
N THR B 108 4.71 -35.66 -9.14
CA THR B 108 4.99 -36.07 -7.77
C THR B 108 5.40 -34.86 -6.94
N VAL B 109 5.06 -34.92 -5.65
CA VAL B 109 5.34 -33.82 -4.74
C VAL B 109 6.82 -33.51 -4.73
N ALA B 110 7.17 -32.22 -4.85
CA ALA B 110 8.54 -31.77 -4.87
C ALA B 110 8.71 -30.69 -3.81
N ALA B 111 9.62 -30.91 -2.87
CA ALA B 111 9.86 -29.94 -1.82
C ALA B 111 10.65 -28.76 -2.38
N PRO B 112 10.37 -27.54 -1.94
CA PRO B 112 11.12 -26.38 -2.44
C PRO B 112 12.51 -26.28 -1.82
N SER B 113 13.44 -25.73 -2.59
CA SER B 113 14.67 -25.22 -2.04
C SER B 113 14.41 -23.79 -1.54
N VAL B 114 14.75 -23.53 -0.29
CA VAL B 114 14.45 -22.26 0.36
C VAL B 114 15.74 -21.45 0.46
N PHE B 115 15.69 -20.21 -0.04
CA PHE B 115 16.82 -19.29 0.00
C PHE B 115 16.35 -17.96 0.55
N ILE B 116 17.26 -17.23 1.20
CA ILE B 116 16.93 -15.95 1.80
C ILE B 116 18.04 -14.96 1.49
N PHE B 117 17.65 -13.72 1.19
CA PHE B 117 18.60 -12.66 0.82
C PHE B 117 18.37 -11.47 1.74
N PRO B 118 19.39 -10.99 2.44
CA PRO B 118 19.24 -9.80 3.27
C PRO B 118 19.13 -8.55 2.39
N PRO B 119 18.71 -7.42 2.94
CA PRO B 119 18.66 -6.19 2.15
C PRO B 119 20.06 -5.78 1.71
N SER B 120 20.14 -5.12 0.56
CA SER B 120 21.41 -4.63 0.07
C SER B 120 21.85 -3.42 0.87
N ASP B 121 23.17 -3.20 0.91
CA ASP B 121 23.67 -1.99 1.54
C ASP B 121 23.18 -0.73 0.83
N GLU B 122 22.95 -0.81 -0.47
CA GLU B 122 22.45 0.35 -1.22
CA GLU B 122 22.46 0.35 -1.21
C GLU B 122 21.05 0.73 -0.75
N GLN B 123 20.16 -0.27 -0.66
CA GLN B 123 18.78 0.03 -0.26
C GLN B 123 18.71 0.54 1.17
N LEU B 124 19.47 -0.09 2.08
CA LEU B 124 19.45 0.34 3.47
C LEU B 124 19.87 1.79 3.62
N LYS B 125 20.82 2.24 2.79
CA LYS B 125 21.19 3.65 2.80
C LYS B 125 20.03 4.55 2.38
N SER B 126 19.13 4.04 1.51
CA SER B 126 18.02 4.85 1.03
C SER B 126 16.94 5.05 2.07
N GLY B 127 16.82 4.15 3.05
CA GLY B 127 15.86 4.30 4.13
C GLY B 127 14.86 3.17 4.27
N THR B 128 14.90 2.14 3.43
CA THR B 128 14.01 0.99 3.56
C THR B 128 14.83 -0.30 3.50
N ALA B 129 14.20 -1.38 3.94
CA ALA B 129 14.83 -2.69 3.94
C ALA B 129 13.88 -3.71 3.34
N SER B 130 14.37 -4.49 2.38
CA SER B 130 13.60 -5.56 1.77
C SER B 130 14.33 -6.87 1.99
N VAL B 131 13.65 -7.83 2.62
CA VAL B 131 14.16 -9.17 2.79
C VAL B 131 13.34 -10.09 1.89
N VAL B 132 14.02 -10.98 1.17
CA VAL B 132 13.39 -11.81 0.15
C VAL B 132 13.61 -13.28 0.51
N CYS B 133 12.52 -14.05 0.50
CA CYS B 133 12.55 -15.50 0.65
C CYS B 133 12.19 -16.13 -0.69
N LEU B 134 13.03 -17.07 -1.14
CA LEU B 134 12.85 -17.69 -2.45
C LEU B 134 12.58 -19.18 -2.27
N LEU B 135 11.41 -19.62 -2.72
CA LEU B 135 11.05 -21.03 -2.79
C LEU B 135 11.15 -21.46 -4.25
N ASN B 136 12.06 -22.37 -4.56
CA ASN B 136 12.39 -22.69 -5.94
C ASN B 136 12.02 -24.12 -6.29
N ASN B 137 11.27 -24.29 -7.39
CA ASN B 137 11.00 -25.58 -8.02
C ASN B 137 10.26 -26.56 -7.11
N PHE B 138 9.06 -26.21 -6.68
CA PHE B 138 8.28 -27.08 -5.81
C PHE B 138 6.96 -27.48 -6.48
N TYR B 139 6.34 -28.53 -5.92
CA TYR B 139 5.01 -28.95 -6.30
C TYR B 139 4.40 -29.67 -5.11
N PRO B 140 3.12 -29.44 -4.79
CA PRO B 140 2.19 -28.55 -5.51
C PRO B 140 2.43 -27.07 -5.26
N ARG B 141 1.53 -26.25 -5.80
CA ARG B 141 1.66 -24.80 -5.77
C ARG B 141 1.38 -24.20 -4.39
N GLU B 142 0.59 -24.88 -3.55
CA GLU B 142 0.24 -24.32 -2.26
CA GLU B 142 0.24 -24.32 -2.26
C GLU B 142 1.44 -24.39 -1.32
N ALA B 143 1.79 -23.23 -0.75
CA ALA B 143 2.90 -23.15 0.19
C ALA B 143 2.59 -22.08 1.22
N LYS B 144 3.01 -22.33 2.46
CA LYS B 144 2.86 -21.35 3.53
C LYS B 144 4.21 -20.70 3.78
N VAL B 145 4.25 -19.38 3.68
CA VAL B 145 5.47 -18.60 3.85
C VAL B 145 5.22 -17.62 4.99
N GLN B 146 5.88 -17.85 6.12
CA GLN B 146 5.67 -17.05 7.32
C GLN B 146 6.95 -16.31 7.66
N TRP B 147 6.89 -14.98 7.64
CA TRP B 147 8.01 -14.17 8.09
C TRP B 147 7.98 -14.01 9.60
N LYS B 148 9.15 -14.13 10.22
CA LYS B 148 9.30 -13.97 11.66
C LYS B 148 10.46 -13.02 11.91
N VAL B 149 10.21 -11.98 12.69
CA VAL B 149 11.22 -11.00 13.08
C VAL B 149 11.44 -11.17 14.58
N ASP B 150 12.58 -11.75 14.96
CA ASP B 150 12.83 -12.18 16.33
C ASP B 150 11.69 -13.07 16.82
N ASN B 151 11.25 -13.98 15.96
CA ASN B 151 10.18 -14.95 16.20
C ASN B 151 8.81 -14.29 16.34
N ALA B 152 8.69 -12.99 16.08
CA ALA B 152 7.40 -12.32 16.08
C ALA B 152 6.81 -12.41 14.68
N LEU B 153 5.65 -13.08 14.57
CA LEU B 153 5.04 -13.31 13.26
C LEU B 153 4.72 -11.99 12.58
N GLN B 154 5.16 -11.85 11.34
CA GLN B 154 4.86 -10.67 10.56
C GLN B 154 3.56 -10.86 9.79
N SER B 155 2.87 -9.75 9.57
CA SER B 155 1.53 -9.78 8.98
C SER B 155 1.29 -8.46 8.27
N GLY B 156 0.87 -8.55 7.01
CA GLY B 156 0.49 -7.38 6.25
C GLY B 156 1.64 -6.56 5.69
N ASN B 157 2.89 -7.01 5.86
CA ASN B 157 4.03 -6.28 5.33
C ASN B 157 4.85 -7.11 4.36
N SER B 158 4.29 -8.19 3.82
CA SER B 158 4.97 -9.03 2.86
C SER B 158 4.11 -9.19 1.61
N GLN B 159 4.76 -9.57 0.52
CA GLN B 159 4.10 -9.80 -0.76
C GLN B 159 4.70 -11.02 -1.42
N GLU B 160 3.88 -11.73 -2.20
CA GLU B 160 4.27 -12.96 -2.86
C GLU B 160 4.19 -12.81 -4.38
N SER B 161 4.96 -13.64 -5.08
CA SER B 161 4.89 -13.75 -6.52
C SER B 161 5.19 -15.19 -6.91
N VAL B 162 4.32 -15.77 -7.72
CA VAL B 162 4.41 -17.17 -8.11
C VAL B 162 4.54 -17.23 -9.63
N THR B 163 5.48 -18.04 -10.12
CA THR B 163 5.63 -18.22 -11.56
C THR B 163 4.50 -19.11 -12.09
N GLU B 164 4.37 -19.13 -13.41
CA GLU B 164 3.55 -20.15 -14.05
C GLU B 164 4.22 -21.51 -13.87
N GLN B 165 3.42 -22.57 -13.98
CA GLN B 165 3.97 -23.90 -13.93
C GLN B 165 4.95 -24.11 -15.08
N ASP B 166 6.14 -24.62 -14.76
CA ASP B 166 7.18 -24.76 -15.76
C ASP B 166 6.77 -25.79 -16.81
N SER B 167 6.96 -25.45 -18.08
CA SER B 167 6.51 -26.32 -19.17
C SER B 167 7.27 -27.64 -19.20
N LYS B 168 8.49 -27.69 -18.65
CA LYS B 168 9.32 -28.89 -18.74
C LYS B 168 9.16 -29.80 -17.51
N ASP B 169 9.46 -29.29 -16.31
CA ASP B 169 9.44 -30.11 -15.11
C ASP B 169 8.19 -29.89 -14.25
N SER B 170 7.30 -28.98 -14.66
CA SER B 170 5.99 -28.82 -14.05
C SER B 170 6.06 -28.31 -12.60
N THR B 171 7.12 -27.62 -12.24
CA THR B 171 7.27 -27.10 -10.89
C THR B 171 6.95 -25.62 -10.82
N TYR B 172 6.66 -25.16 -9.61
CA TYR B 172 6.43 -23.75 -9.34
C TYR B 172 7.62 -23.17 -8.57
N SER B 173 7.77 -21.85 -8.69
CA SER B 173 8.70 -21.09 -7.87
C SER B 173 7.98 -19.88 -7.30
N LEU B 174 8.39 -19.47 -6.11
CA LEU B 174 7.68 -18.42 -5.38
C LEU B 174 8.69 -17.52 -4.68
N SER B 175 8.41 -16.21 -4.72
CA SER B 175 9.26 -15.21 -4.07
C SER B 175 8.40 -14.39 -3.14
N SER B 176 8.80 -14.32 -1.87
CA SER B 176 8.13 -13.50 -0.88
C SER B 176 9.06 -12.36 -0.48
N THR B 177 8.51 -11.14 -0.39
CA THR B 177 9.29 -9.95 -0.08
C THR B 177 8.74 -9.28 1.16
N LEU B 178 9.55 -9.24 2.22
CA LEU B 178 9.21 -8.50 3.42
C LEU B 178 9.89 -7.14 3.37
N THR B 179 9.13 -6.07 3.62
CA THR B 179 9.68 -4.72 3.60
C THR B 179 9.38 -4.01 4.91
N LEU B 180 10.39 -3.32 5.43
CA LEU B 180 10.27 -2.48 6.62
C LEU B 180 11.01 -1.18 6.36
N SER B 181 10.77 -0.20 7.22
CA SER B 181 11.61 0.98 7.21
C SER B 181 13.02 0.61 7.71
N LYS B 182 13.99 1.46 7.33
CA LYS B 182 15.34 1.28 7.86
C LYS B 182 15.35 1.28 9.38
N ALA B 183 14.60 2.22 9.99
CA ALA B 183 14.58 2.34 11.44
C ALA B 183 13.88 1.16 12.09
N ASP B 184 12.83 0.63 11.46
CA ASP B 184 12.20 -0.59 11.98
C ASP B 184 13.14 -1.78 11.83
N TYR B 185 13.79 -1.90 10.67
CA TYR B 185 14.67 -3.04 10.42
C TYR B 185 15.84 -3.04 11.40
N GLU B 186 16.39 -1.86 11.70
CA GLU B 186 17.52 -1.77 12.62
C GLU B 186 17.16 -2.07 14.07
N LYS B 187 15.87 -2.22 14.38
CA LYS B 187 15.45 -2.51 15.75
C LYS B 187 15.58 -3.98 16.13
N HIS B 188 15.80 -4.87 15.17
CA HIS B 188 15.68 -6.30 15.43
C HIS B 188 16.88 -7.05 14.85
N LYS B 189 17.01 -8.31 15.27
CA LYS B 189 18.19 -9.11 15.02
C LYS B 189 17.95 -10.27 14.05
N VAL B 190 17.00 -11.15 14.37
CA VAL B 190 16.83 -12.41 13.64
C VAL B 190 15.69 -12.25 12.65
N TYR B 191 16.02 -12.30 11.36
CA TYR B 191 15.05 -12.28 10.28
C TYR B 191 15.01 -13.65 9.63
N ALA B 192 13.80 -14.19 9.47
CA ALA B 192 13.64 -15.57 9.05
C ALA B 192 12.30 -15.76 8.39
N CYS B 193 12.24 -16.70 7.44
CA CYS B 193 10.98 -17.15 6.89
CA CYS B 193 11.00 -17.16 6.83
C CYS B 193 10.80 -18.64 7.14
N GLU B 194 9.61 -19.00 7.60
CA GLU B 194 9.24 -20.37 7.90
C GLU B 194 8.38 -20.88 6.75
N VAL B 195 8.79 -21.98 6.12
CA VAL B 195 8.14 -22.51 4.93
C VAL B 195 7.46 -23.83 5.27
N THR B 196 6.16 -23.91 5.02
CA THR B 196 5.39 -25.13 5.20
C THR B 196 4.91 -25.61 3.83
N HIS B 197 5.22 -26.86 3.51
CA HIS B 197 4.87 -27.42 2.20
C HIS B 197 4.69 -28.92 2.35
N GLN B 198 3.93 -29.50 1.42
CA GLN B 198 3.59 -30.92 1.50
C GLN B 198 4.83 -31.80 1.43
N GLY B 199 5.87 -31.36 0.72
CA GLY B 199 7.10 -32.10 0.59
C GLY B 199 8.07 -31.91 1.74
N LEU B 200 7.71 -31.14 2.76
CA LEU B 200 8.55 -30.92 3.92
C LEU B 200 7.90 -31.60 5.12
N SER B 201 8.61 -32.55 5.72
CA SER B 201 8.08 -33.29 6.87
CA SER B 201 8.07 -33.28 6.87
C SER B 201 7.80 -32.39 8.06
N SER B 202 8.30 -31.16 8.06
CA SER B 202 8.09 -30.18 9.12
C SER B 202 8.60 -28.84 8.62
N PRO B 203 8.07 -27.71 9.11
CA PRO B 203 8.45 -26.40 8.55
C PRO B 203 9.96 -26.20 8.51
N VAL B 204 10.41 -25.53 7.46
CA VAL B 204 11.84 -25.29 7.21
C VAL B 204 12.07 -23.79 7.32
N THR B 205 12.99 -23.40 8.21
CA THR B 205 13.30 -22.00 8.47
C THR B 205 14.69 -21.67 7.92
N LYS B 206 14.78 -20.60 7.15
CA LYS B 206 16.04 -19.98 6.77
C LYS B 206 16.11 -18.60 7.42
N SER B 207 17.23 -18.30 8.06
CA SER B 207 17.33 -17.10 8.88
C SER B 207 18.72 -16.48 8.75
N PHE B 208 18.84 -15.26 9.26
CA PHE B 208 20.13 -14.60 9.38
C PHE B 208 20.03 -13.53 10.46
N ASN B 209 21.19 -13.15 10.98
CA ASN B 209 21.28 -12.08 11.97
C ASN B 209 21.63 -10.77 11.28
N ARG B 210 20.91 -9.71 11.63
CA ARG B 210 21.19 -8.40 11.07
C ARG B 210 22.62 -7.99 11.42
N GLY B 211 23.34 -7.45 10.43
CA GLY B 211 24.70 -7.02 10.62
C GLY B 211 25.74 -8.11 10.53
N GLU B 212 25.34 -9.38 10.50
CA GLU B 212 26.28 -10.49 10.35
C GLU B 212 26.19 -11.10 8.95
N CYS B 213 25.81 -10.29 7.97
CA CYS B 213 25.76 -10.71 6.58
C CYS B 213 26.50 -9.71 5.70
N GLN C 1 11.08 38.64 25.82
CA GLN C 1 11.30 37.20 25.81
C GLN C 1 11.99 36.76 24.51
N VAL C 2 12.69 35.63 24.58
CA VAL C 2 13.37 35.11 23.39
C VAL C 2 12.35 34.48 22.46
N LEU C 3 12.36 34.90 21.19
CA LEU C 3 11.38 34.47 20.21
C LEU C 3 12.08 34.06 18.92
N LEU C 4 11.74 32.88 18.42
CA LEU C 4 12.23 32.38 17.14
C LEU C 4 11.04 31.94 16.30
N VAL C 5 10.93 32.47 15.08
CA VAL C 5 9.79 32.22 14.21
C VAL C 5 10.30 31.75 12.86
N GLU C 6 9.82 30.60 12.41
CA GLU C 6 10.21 30.02 11.14
C GLU C 6 9.17 30.34 10.06
N SER C 7 9.63 30.29 8.81
CA SER C 7 8.75 30.44 7.66
C SER C 7 9.45 29.86 6.44
N GLY C 8 8.71 29.74 5.35
CA GLY C 8 9.24 29.21 4.11
C GLY C 8 8.87 27.76 3.84
N GLY C 9 8.30 27.05 4.81
CA GLY C 9 7.90 25.68 4.58
C GLY C 9 6.74 25.59 3.60
N GLY C 10 6.58 24.40 3.04
CA GLY C 10 5.51 24.17 2.09
C GLY C 10 5.60 22.77 1.50
N VAL C 11 4.60 22.45 0.70
CA VAL C 11 4.55 21.19 -0.03
C VAL C 11 5.26 21.39 -1.36
N VAL C 12 6.22 20.52 -1.68
CA VAL C 12 7.03 20.66 -2.88
C VAL C 12 7.25 19.31 -3.53
N GLN C 13 7.51 19.34 -4.83
CA GLN C 13 7.90 18.15 -5.56
C GLN C 13 9.34 17.77 -5.22
N PRO C 14 9.69 16.49 -5.24
CA PRO C 14 11.07 16.09 -4.97
C PRO C 14 12.03 16.64 -6.02
N GLY C 15 13.26 16.91 -5.59
CA GLY C 15 14.28 17.45 -6.45
C GLY C 15 14.33 18.97 -6.50
N THR C 16 13.30 19.65 -6.00
CA THR C 16 13.25 21.10 -6.05
C THR C 16 14.10 21.69 -4.92
N SER C 17 13.98 22.99 -4.70
CA SER C 17 14.70 23.68 -3.65
C SER C 17 13.75 24.54 -2.82
N LEU C 18 14.09 24.69 -1.55
CA LEU C 18 13.31 25.49 -0.62
C LEU C 18 14.27 26.18 0.35
N ARG C 19 13.98 27.44 0.68
CA ARG C 19 14.84 28.26 1.53
C ARG C 19 14.06 28.65 2.77
N LEU C 20 14.35 27.99 3.89
CA LEU C 20 13.70 28.32 5.15
C LEU C 20 14.38 29.52 5.80
N SER C 21 13.60 30.24 6.61
CA SER C 21 14.13 31.41 7.32
C SER C 21 13.60 31.40 8.75
N CYS C 22 14.42 31.93 9.66
CA CYS C 22 14.10 32.00 11.08
C CYS C 22 14.42 33.40 11.57
N VAL C 23 13.42 34.11 12.05
CA VAL C 23 13.56 35.49 12.49
C VAL C 23 13.64 35.50 14.02
N ALA C 24 14.70 36.08 14.56
CA ALA C 24 14.94 36.10 16.00
C ALA C 24 14.61 37.46 16.59
N SER C 25 14.18 37.44 17.85
CA SER C 25 13.93 38.66 18.61
C SER C 25 14.00 38.31 20.09
N GLY C 26 14.17 39.35 20.90
CA GLY C 26 14.26 39.18 22.34
C GLY C 26 15.63 38.88 22.88
N PHE C 27 16.64 38.74 22.02
CA PHE C 27 18.01 38.53 22.47
C PHE C 27 18.97 39.03 21.40
N SER C 28 20.25 39.05 21.74
CA SER C 28 21.29 39.51 20.83
C SER C 28 21.59 38.41 19.83
N PHE C 29 21.00 38.49 18.64
CA PHE C 29 21.16 37.44 17.64
C PHE C 29 22.60 37.36 17.14
N SER C 30 23.27 38.51 17.04
CA SER C 30 24.63 38.55 16.49
C SER C 30 25.62 37.73 17.31
N THR C 31 25.34 37.54 18.60
CA THR C 31 26.31 36.95 19.52
C THR C 31 26.11 35.46 19.74
N TYR C 32 25.01 34.87 19.27
CA TYR C 32 24.71 33.47 19.50
C TYR C 32 24.81 32.67 18.21
N GLY C 33 25.40 31.47 18.30
CA GLY C 33 25.28 30.51 17.22
C GLY C 33 23.88 29.94 17.14
N MET C 34 23.55 29.37 15.98
CA MET C 34 22.19 28.92 15.70
C MET C 34 22.20 27.52 15.12
N HIS C 35 21.07 26.83 15.29
CA HIS C 35 20.89 25.45 14.86
C HIS C 35 19.67 25.33 13.97
N TRP C 36 19.66 24.24 13.18
CA TRP C 36 18.47 23.73 12.52
C TRP C 36 18.27 22.30 12.95
N VAL C 37 17.07 21.97 13.43
CA VAL C 37 16.71 20.62 13.83
C VAL C 37 15.39 20.28 13.16
N ARG C 38 15.22 19.02 12.77
CA ARG C 38 13.99 18.57 12.14
C ARG C 38 13.43 17.36 12.88
N GLN C 39 12.10 17.20 12.79
CA GLN C 39 11.39 16.12 13.45
C GLN C 39 10.37 15.54 12.49
N SER C 40 10.40 14.23 12.30
CA SER C 40 9.50 13.54 11.40
C SER C 40 8.99 12.27 12.08
N PRO C 41 7.83 11.75 11.65
CA PRO C 41 7.34 10.49 12.24
C PRO C 41 8.34 9.35 12.15
N GLY C 42 9.05 9.23 11.03
CA GLY C 42 10.18 8.34 10.92
C GLY C 42 11.46 9.12 11.10
N LYS C 43 12.42 8.52 11.82
CA LYS C 43 13.74 9.04 12.18
C LYS C 43 13.67 10.01 13.37
N GLY C 44 12.49 10.44 13.80
CA GLY C 44 12.37 11.18 15.05
C GLY C 44 12.99 12.57 14.97
N LEU C 45 13.73 12.91 16.02
CA LEU C 45 14.42 14.20 16.11
C LEU C 45 15.81 14.07 15.52
N GLU C 46 16.12 14.91 14.53
CA GLU C 46 17.39 14.84 13.80
C GLU C 46 18.00 16.23 13.73
N TRP C 47 19.23 16.36 14.21
CA TRP C 47 19.99 17.59 14.02
C TRP C 47 20.36 17.74 12.55
N VAL C 48 20.39 19.00 12.08
CA VAL C 48 20.64 19.25 10.67
C VAL C 48 21.91 20.07 10.49
N ALA C 49 21.93 21.29 11.00
CA ALA C 49 23.06 22.18 10.78
C ALA C 49 23.25 23.10 11.97
N ILE C 50 24.48 23.62 12.10
CA ILE C 50 24.81 24.65 13.08
C ILE C 50 25.71 25.67 12.39
N ILE C 51 25.53 26.94 12.75
CA ILE C 51 26.36 28.02 12.22
C ILE C 51 26.83 28.89 13.36
N TRP C 52 28.10 29.27 13.33
CA TRP C 52 28.69 30.09 14.38
C TRP C 52 28.03 31.48 14.40
N TYR C 53 28.29 32.22 15.48
CA TYR C 53 27.67 33.53 15.64
C TYR C 53 27.99 34.47 14.47
N ASP C 54 29.21 34.38 13.94
CA ASP C 54 29.63 35.26 12.87
C ASP C 54 29.25 34.76 11.48
N GLY C 55 28.81 33.51 11.37
CA GLY C 55 28.53 32.91 10.08
C GLY C 55 29.70 32.20 9.44
N GLY C 56 30.77 31.98 10.18
CA GLY C 56 31.95 31.32 9.63
C GLY C 56 31.89 29.82 9.68
N ASN C 57 32.06 29.24 10.88
CA ASN C 57 32.01 27.80 11.04
C ASN C 57 30.61 27.28 10.77
N LYS C 58 30.51 26.23 9.97
CA LYS C 58 29.24 25.58 9.67
C LYS C 58 29.47 24.08 9.65
N PHE C 59 28.62 23.34 10.36
CA PHE C 59 28.65 21.89 10.37
C PHE C 59 27.27 21.35 10.00
N TYR C 60 27.26 20.19 9.34
CA TYR C 60 26.02 19.62 8.83
C TYR C 60 25.92 18.15 9.23
N ALA C 61 24.70 17.66 9.33
CA ALA C 61 24.48 16.22 9.47
C ALA C 61 24.91 15.50 8.21
N ASP C 62 25.32 14.24 8.36
CA ASP C 62 25.81 13.46 7.23
C ASP C 62 24.75 13.31 6.15
N SER C 63 23.46 13.33 6.54
CA SER C 63 22.37 13.07 5.62
C SER C 63 21.97 14.29 4.80
N VAL C 64 22.51 15.48 5.10
CA VAL C 64 22.20 16.69 4.34
C VAL C 64 23.43 17.36 3.78
N GLN C 65 24.61 16.78 3.95
CA GLN C 65 25.84 17.39 3.47
C GLN C 65 25.88 17.33 1.95
N GLY C 66 26.23 18.47 1.32
CA GLY C 66 26.21 18.59 -0.12
C GLY C 66 24.89 19.03 -0.70
N ARG C 67 23.84 19.13 0.12
CA ARG C 67 22.53 19.57 -0.34
C ARG C 67 22.01 20.78 0.41
N PHE C 68 22.27 20.87 1.72
CA PHE C 68 21.76 21.95 2.55
C PHE C 68 22.87 22.94 2.87
N THR C 69 22.50 24.22 2.99
CA THR C 69 23.45 25.28 3.31
C THR C 69 22.82 26.21 4.33
N VAL C 70 23.54 26.46 5.43
CA VAL C 70 23.08 27.37 6.48
C VAL C 70 23.84 28.69 6.35
N SER C 71 23.13 29.79 6.56
CA SER C 71 23.72 31.12 6.51
C SER C 71 22.86 32.06 7.33
N ARG C 72 23.43 33.21 7.70
CA ARG C 72 22.74 34.15 8.55
C ARG C 72 23.07 35.58 8.13
N ASP C 73 22.08 36.46 8.29
CA ASP C 73 22.21 37.89 8.03
C ASP C 73 21.99 38.60 9.36
N ASN C 74 23.09 38.81 10.11
CA ASN C 74 22.99 39.41 11.43
C ASN C 74 22.42 40.82 11.40
N SER C 75 22.50 41.50 10.26
CA SER C 75 21.88 42.82 10.13
CA SER C 75 21.88 42.82 10.13
C SER C 75 20.37 42.73 10.07
N LYS C 76 19.81 41.55 9.81
CA LYS C 76 18.37 41.35 9.73
C LYS C 76 17.86 40.35 10.76
N ASN C 77 18.71 39.89 11.68
CA ASN C 77 18.32 38.95 12.74
C ASN C 77 17.71 37.67 12.17
N THR C 78 18.11 37.26 10.97
CA THR C 78 17.48 36.14 10.29
C THR C 78 18.49 35.02 10.06
N LEU C 79 18.02 33.79 10.30
CA LEU C 79 18.78 32.57 10.03
C LEU C 79 18.14 31.84 8.86
N TYR C 80 18.97 31.37 7.93
CA TYR C 80 18.48 30.76 6.70
C TYR C 80 18.92 29.30 6.61
N LEU C 81 18.14 28.52 5.87
CA LEU C 81 18.51 27.15 5.51
C LEU C 81 18.14 26.93 4.05
N GLN C 82 19.14 26.81 3.19
CA GLN C 82 18.93 26.56 1.78
C GLN C 82 18.89 25.05 1.56
N MET C 83 17.74 24.54 1.13
CA MET C 83 17.55 23.11 0.91
C MET C 83 17.54 22.87 -0.60
N ASN C 84 18.55 22.16 -1.09
CA ASN C 84 18.64 21.79 -2.49
C ASN C 84 18.48 20.28 -2.66
N SER C 85 18.06 19.88 -3.85
CA SER C 85 17.84 18.48 -4.21
C SER C 85 17.03 17.77 -3.12
N LEU C 86 15.83 18.27 -2.89
CA LEU C 86 14.99 17.77 -1.81
C LEU C 86 14.52 16.35 -2.10
N ARG C 87 14.70 15.46 -1.12
CA ARG C 87 14.20 14.10 -1.19
C ARG C 87 12.94 13.98 -0.34
N ALA C 88 12.27 12.84 -0.49
CA ALA C 88 11.06 12.59 0.30
C ALA C 88 11.39 12.45 1.79
N GLU C 89 12.52 11.83 2.11
CA GLU C 89 12.91 11.63 3.51
C GLU C 89 13.25 12.93 4.23
N ASP C 90 13.34 14.04 3.50
CA ASP C 90 13.51 15.35 4.14
C ASP C 90 12.20 15.90 4.67
N THR C 91 11.08 15.22 4.46
CA THR C 91 9.81 15.66 5.01
C THR C 91 9.85 15.62 6.53
N ALA C 92 9.62 16.78 7.14
CA ALA C 92 9.69 16.92 8.60
C ALA C 92 9.27 18.34 8.97
N VAL C 93 9.13 18.56 10.27
CA VAL C 93 8.99 19.91 10.81
C VAL C 93 10.37 20.41 11.18
N TYR C 94 10.76 21.56 10.62
CA TYR C 94 12.09 22.10 10.82
C TYR C 94 12.05 23.23 11.84
N TYR C 95 12.83 23.09 12.90
CA TYR C 95 12.95 24.10 13.95
C TYR C 95 14.31 24.78 13.86
N CYS C 96 14.33 26.08 14.13
CA CYS C 96 15.59 26.74 14.46
C CYS C 96 15.75 26.74 15.96
N ALA C 97 16.99 26.56 16.42
CA ALA C 97 17.30 26.54 17.82
C ALA C 97 18.44 27.52 18.11
N LYS C 98 18.45 28.04 19.32
CA LYS C 98 19.49 28.95 19.78
C LYS C 98 20.47 28.17 20.64
N ALA C 99 21.77 28.33 20.37
CA ALA C 99 22.78 27.68 21.18
C ALA C 99 22.73 28.20 22.62
N TYR C 100 23.12 27.35 23.56
CA TYR C 100 23.10 27.71 24.96
C TYR C 100 24.09 28.85 25.21
N ARG C 101 23.90 29.54 26.34
CA ARG C 101 24.73 30.69 26.67
C ARG C 101 26.17 30.25 26.99
N THR C 102 27.10 31.16 26.73
CA THR C 102 28.49 30.94 27.08
C THR C 102 28.64 30.67 28.57
N SER C 103 29.46 29.69 28.90
CA SER C 103 29.78 29.39 30.29
C SER C 103 31.21 28.84 30.33
N LEU C 104 31.58 28.27 31.47
CA LEU C 104 32.88 27.62 31.59
C LEU C 104 32.90 26.23 30.99
N ASP C 105 31.77 25.75 30.47
CA ASP C 105 31.72 24.45 29.81
C ASP C 105 32.50 24.48 28.50
N LYS C 106 32.91 23.29 28.06
CA LYS C 106 33.55 23.13 26.76
C LYS C 106 32.63 22.52 25.71
N LYS C 107 31.51 21.93 26.12
CA LYS C 107 30.52 21.37 25.20
C LYS C 107 29.22 22.16 25.34
N TYR C 108 28.54 22.36 24.22
CA TYR C 108 27.38 23.26 24.18
C TYR C 108 26.21 22.61 23.47
N GLY C 109 25.01 22.87 23.98
CA GLY C 109 23.78 22.42 23.36
C GLY C 109 22.89 23.57 22.97
N MET C 110 21.58 23.38 23.09
CA MET C 110 20.58 24.38 22.72
CA MET C 110 20.61 24.42 22.74
C MET C 110 19.62 24.58 23.87
N ASP C 111 18.97 25.74 23.91
CA ASP C 111 18.02 26.02 24.99
C ASP C 111 16.62 26.35 24.50
N VAL C 112 16.46 27.21 23.50
CA VAL C 112 15.16 27.70 23.08
C VAL C 112 14.96 27.40 21.60
N TRP C 113 13.83 26.78 21.27
CA TRP C 113 13.47 26.42 19.90
C TRP C 113 12.31 27.30 19.42
N GLY C 114 12.17 27.37 18.10
CA GLY C 114 11.06 28.07 17.49
C GLY C 114 9.87 27.17 17.26
N GLN C 115 8.77 27.77 16.81
CA GLN C 115 7.52 27.02 16.64
C GLN C 115 7.63 25.99 15.53
N GLY C 116 8.51 26.21 14.55
CA GLY C 116 8.73 25.25 13.50
C GLY C 116 7.96 25.59 12.23
N THR C 117 8.40 25.00 11.13
CA THR C 117 7.72 25.12 9.84
C THR C 117 7.78 23.76 9.15
N THR C 118 6.69 23.41 8.47
CA THR C 118 6.54 22.07 7.91
C THR C 118 6.97 22.05 6.46
N VAL C 119 7.83 21.08 6.12
CA VAL C 119 8.32 20.88 4.76
C VAL C 119 7.90 19.49 4.34
N THR C 120 6.98 19.41 3.38
CA THR C 120 6.46 18.15 2.86
C THR C 120 6.94 17.97 1.43
N VAL C 121 7.67 16.87 1.20
CA VAL C 121 8.23 16.57 -0.12
C VAL C 121 7.53 15.32 -0.64
N SER C 122 6.80 15.46 -1.75
CA SER C 122 6.01 14.36 -2.28
C SER C 122 5.81 14.58 -3.78
N SER C 123 5.73 13.47 -4.51
CA SER C 123 5.38 13.52 -5.92
C SER C 123 3.88 13.66 -6.14
N ALA C 124 3.08 13.49 -5.09
CA ALA C 124 1.63 13.63 -5.22
C ALA C 124 1.26 15.06 -5.60
N SER C 125 0.17 15.18 -6.33
CA SER C 125 -0.36 16.48 -6.75
C SER C 125 -1.56 16.85 -5.87
N THR C 126 -1.84 18.15 -5.82
CA THR C 126 -2.96 18.64 -5.04
C THR C 126 -4.25 17.93 -5.47
N LYS C 127 -4.99 17.44 -4.48
CA LYS C 127 -6.21 16.70 -4.76
C LYS C 127 -7.22 16.93 -3.65
N GLY C 128 -8.45 17.26 -4.03
CA GLY C 128 -9.52 17.44 -3.08
C GLY C 128 -10.08 16.10 -2.61
N PRO C 129 -10.54 16.06 -1.37
CA PRO C 129 -11.03 14.81 -0.80
C PRO C 129 -12.41 14.44 -1.30
N SER C 130 -12.68 13.14 -1.31
CA SER C 130 -14.03 12.62 -1.47
C SER C 130 -14.63 12.40 -0.09
N VAL C 131 -15.86 12.88 0.12
CA VAL C 131 -16.53 12.79 1.41
C VAL C 131 -17.65 11.77 1.29
N PHE C 132 -17.56 10.69 2.07
CA PHE C 132 -18.57 9.66 2.09
C PHE C 132 -19.24 9.60 3.45
N PRO C 133 -20.54 9.32 3.51
CA PRO C 133 -21.21 9.23 4.80
C PRO C 133 -20.94 7.92 5.51
N LEU C 134 -20.81 8.01 6.83
CA LEU C 134 -20.79 6.83 7.70
C LEU C 134 -22.18 6.76 8.33
N ALA C 135 -23.09 6.08 7.65
CA ALA C 135 -24.49 6.11 8.04
C ALA C 135 -24.68 5.41 9.39
N PRO C 136 -25.48 5.99 10.29
CA PRO C 136 -25.84 5.27 11.51
C PRO C 136 -26.84 4.15 11.22
N SER C 137 -26.74 3.09 12.01
CA SER C 137 -27.61 1.93 11.87
C SER C 137 -27.65 1.21 13.21
N SER C 138 -28.34 0.06 13.24
CA SER C 138 -28.40 -0.73 14.46
C SER C 138 -27.04 -1.29 14.84
N LYS C 139 -26.08 -1.28 13.92
CA LYS C 139 -24.74 -1.78 14.16
C LYS C 139 -23.77 -0.68 14.54
N SER C 140 -24.23 0.57 14.57
CA SER C 140 -23.46 1.68 15.14
C SER C 140 -24.21 2.30 16.32
N THR C 141 -24.98 1.50 17.05
CA THR C 141 -25.69 1.96 18.24
C THR C 141 -25.30 1.11 19.44
N SER C 142 -24.97 1.77 20.54
CA SER C 142 -24.81 1.12 21.84
C SER C 142 -25.72 1.85 22.81
N GLY C 143 -26.63 1.12 23.44
CA GLY C 143 -27.57 1.74 24.35
C GLY C 143 -28.46 2.72 23.63
N GLY C 144 -28.57 3.93 24.18
CA GLY C 144 -29.37 4.97 23.57
C GLY C 144 -28.62 5.91 22.65
N THR C 145 -27.33 5.67 22.43
CA THR C 145 -26.51 6.54 21.61
C THR C 145 -26.19 5.87 20.28
N ALA C 146 -26.24 6.66 19.21
CA ALA C 146 -25.87 6.23 17.87
C ALA C 146 -24.61 6.96 17.43
N ALA C 147 -23.80 6.28 16.65
CA ALA C 147 -22.60 6.87 16.09
C ALA C 147 -22.79 7.07 14.59
N LEU C 148 -22.41 8.25 14.11
CA LEU C 148 -22.47 8.57 12.69
C LEU C 148 -21.25 9.44 12.37
N GLY C 149 -20.93 9.51 11.08
CA GLY C 149 -19.76 10.27 10.71
C GLY C 149 -19.59 10.42 9.22
N CYS C 150 -18.42 10.93 8.85
CA CYS C 150 -18.04 11.16 7.47
CA CYS C 150 -18.05 11.12 7.46
C CYS C 150 -16.64 10.60 7.23
N LEU C 151 -16.42 10.03 6.05
CA LEU C 151 -15.12 9.51 5.64
C LEU C 151 -14.53 10.47 4.62
N VAL C 152 -13.43 11.11 4.98
CA VAL C 152 -12.77 12.12 4.14
C VAL C 152 -11.56 11.45 3.51
N LYS C 153 -11.69 11.00 2.27
CA LYS C 153 -10.76 10.07 1.66
C LYS C 153 -9.99 10.69 0.51
N ASP C 154 -8.70 10.37 0.44
CA ASP C 154 -7.86 10.57 -0.74
C ASP C 154 -7.70 12.06 -1.10
N TYR C 155 -7.18 12.81 -0.14
CA TYR C 155 -6.82 14.20 -0.38
C TYR C 155 -5.33 14.41 -0.19
N PHE C 156 -4.82 15.48 -0.78
CA PHE C 156 -3.44 15.91 -0.62
C PHE C 156 -3.32 17.38 -0.99
N PRO C 157 -2.62 18.18 -0.17
CA PRO C 157 -1.99 17.75 1.07
C PRO C 157 -2.81 18.08 2.31
N GLU C 158 -2.19 17.88 3.47
CA GLU C 158 -2.76 18.37 4.73
C GLU C 158 -2.82 19.90 4.70
N PRO C 159 -3.75 20.51 5.46
CA PRO C 159 -4.78 19.91 6.30
C PRO C 159 -6.20 19.99 5.73
N VAL C 160 -7.13 19.26 6.36
CA VAL C 160 -8.55 19.45 6.14
C VAL C 160 -9.20 19.79 7.48
N THR C 161 -10.37 20.41 7.41
CA THR C 161 -11.14 20.73 8.60
C THR C 161 -12.54 20.18 8.45
N VAL C 162 -13.09 19.67 9.55
CA VAL C 162 -14.44 19.13 9.59
C VAL C 162 -15.20 19.84 10.71
N SER C 163 -16.41 20.29 10.39
CA SER C 163 -17.35 20.75 11.39
C SER C 163 -18.68 20.05 11.13
N TRP C 164 -19.59 20.13 12.10
CA TRP C 164 -20.89 19.50 12.00
C TRP C 164 -21.98 20.56 12.16
N ASN C 165 -22.91 20.59 11.22
CA ASN C 165 -24.00 21.56 11.20
C ASN C 165 -23.45 22.99 11.26
N SER C 166 -22.45 23.24 10.43
CA SER C 166 -21.82 24.56 10.30
C SER C 166 -21.26 25.05 11.63
N GLY C 167 -20.75 24.13 12.44
CA GLY C 167 -20.16 24.47 13.71
C GLY C 167 -21.12 24.54 14.88
N ALA C 168 -22.42 24.36 14.65
CA ALA C 168 -23.40 24.43 15.72
C ALA C 168 -23.46 23.16 16.56
N LEU C 169 -22.88 22.06 16.08
CA LEU C 169 -22.83 20.79 16.81
C LEU C 169 -21.39 20.55 17.22
N THR C 170 -21.10 20.70 18.52
CA THR C 170 -19.73 20.66 19.02
C THR C 170 -19.46 19.54 20.01
N SER C 171 -20.48 18.95 20.61
CA SER C 171 -20.27 17.88 21.58
C SER C 171 -20.29 16.52 20.90
N GLY C 172 -19.48 15.60 21.42
CA GLY C 172 -19.47 14.22 20.96
C GLY C 172 -18.72 13.96 19.68
N VAL C 173 -17.87 14.88 19.23
CA VAL C 173 -17.22 14.78 17.93
C VAL C 173 -15.79 14.30 18.10
N HIS C 174 -15.37 13.38 17.24
CA HIS C 174 -14.00 12.87 17.17
C HIS C 174 -13.54 12.95 15.72
N THR C 175 -12.69 13.95 15.41
CA THR C 175 -12.07 14.05 14.10
C THR C 175 -10.67 13.47 14.20
N PHE C 176 -10.48 12.28 13.62
CA PHE C 176 -9.26 11.53 13.82
C PHE C 176 -8.08 12.17 13.11
N PRO C 177 -6.86 11.89 13.57
CA PRO C 177 -5.68 12.29 12.80
C PRO C 177 -5.67 11.60 11.45
N ALA C 178 -5.27 12.34 10.43
CA ALA C 178 -5.18 11.75 9.10
C ALA C 178 -4.12 10.66 9.07
N VAL C 179 -4.35 9.65 8.25
CA VAL C 179 -3.37 8.60 8.00
C VAL C 179 -2.84 8.76 6.57
N LEU C 180 -1.53 8.63 6.42
CA LEU C 180 -0.88 8.73 5.11
C LEU C 180 -0.91 7.34 4.47
N GLN C 181 -1.71 7.19 3.42
CA GLN C 181 -1.77 5.94 2.70
C GLN C 181 -0.54 5.77 1.83
N SER C 182 -0.24 4.53 1.48
CA SER C 182 0.92 4.24 0.63
C SER C 182 0.80 4.86 -0.75
N SER C 183 -0.39 5.32 -1.14
CA SER C 183 -0.57 6.03 -2.39
C SER C 183 0.00 7.44 -2.36
N GLY C 184 0.32 7.97 -1.18
CA GLY C 184 0.72 9.36 -1.04
C GLY C 184 -0.41 10.30 -0.70
N LEU C 185 -1.64 9.82 -0.64
CA LEU C 185 -2.80 10.64 -0.32
C LEU C 185 -3.21 10.42 1.14
N TYR C 186 -3.85 11.43 1.71
CA TYR C 186 -4.32 11.38 3.09
C TYR C 186 -5.78 10.95 3.14
N SER C 187 -6.19 10.46 4.31
CA SER C 187 -7.56 10.04 4.53
C SER C 187 -7.83 10.09 6.02
N LEU C 188 -9.00 10.62 6.40
CA LEU C 188 -9.39 10.65 7.80
C LEU C 188 -10.90 10.53 7.90
N SER C 189 -11.38 10.41 9.14
CA SER C 189 -12.80 10.33 9.41
CA SER C 189 -12.80 10.33 9.41
C SER C 189 -13.14 11.22 10.60
N SER C 190 -14.37 11.72 10.62
CA SER C 190 -14.89 12.49 11.74
C SER C 190 -16.21 11.86 12.14
N VAL C 191 -16.31 11.40 13.38
CA VAL C 191 -17.51 10.76 13.89
C VAL C 191 -18.09 11.63 15.00
N VAL C 192 -19.36 11.39 15.28
CA VAL C 192 -20.03 12.04 16.41
C VAL C 192 -21.06 11.06 16.99
N THR C 193 -21.10 10.98 18.30
CA THR C 193 -22.11 10.19 19.00
C THR C 193 -23.30 11.07 19.33
N VAL C 194 -24.48 10.62 18.93
CA VAL C 194 -25.72 11.38 19.15
C VAL C 194 -26.76 10.43 19.74
N PRO C 195 -27.80 10.97 20.36
CA PRO C 195 -28.87 10.10 20.87
C PRO C 195 -29.60 9.41 19.72
N SER C 196 -29.87 8.11 19.91
CA SER C 196 -30.56 7.34 18.88
C SER C 196 -31.87 8.00 18.48
N SER C 197 -32.67 8.41 19.48
CA SER C 197 -34.00 8.96 19.26
C SER C 197 -34.00 10.16 18.31
N SER C 198 -32.86 10.82 18.12
CA SER C 198 -32.81 12.03 17.32
C SER C 198 -32.72 11.78 15.82
N LEU C 199 -32.38 10.55 15.41
CA LEU C 199 -32.10 10.27 14.01
C LEU C 199 -33.30 10.49 13.09
N GLY C 200 -34.50 10.61 13.64
CA GLY C 200 -35.64 10.94 12.81
C GLY C 200 -35.84 12.44 12.68
N THR C 201 -35.55 13.17 13.76
CA THR C 201 -35.86 14.59 13.83
C THR C 201 -34.65 15.50 13.72
N GLN C 202 -33.44 14.97 13.75
CA GLN C 202 -32.22 15.78 13.64
C GLN C 202 -31.53 15.53 12.32
N THR C 203 -31.25 16.61 11.59
CA THR C 203 -30.39 16.54 10.42
C THR C 203 -28.93 16.67 10.85
N TYR C 204 -28.08 15.79 10.32
CA TYR C 204 -26.65 15.85 10.61
C TYR C 204 -25.90 16.05 9.30
N ILE C 205 -25.16 17.17 9.22
CA ILE C 205 -24.37 17.52 8.06
C ILE C 205 -22.93 17.75 8.52
N CYS C 206 -21.98 17.11 7.84
CA CYS C 206 -20.57 17.37 8.08
C CYS C 206 -20.06 18.35 7.04
N ASN C 207 -19.26 19.31 7.49
CA ASN C 207 -18.74 20.37 6.64
C ASN C 207 -17.23 20.20 6.52
N VAL C 208 -16.80 19.73 5.35
CA VAL C 208 -15.39 19.43 5.09
C VAL C 208 -14.79 20.57 4.30
N ASN C 209 -13.65 21.07 4.75
CA ASN C 209 -12.95 22.16 4.08
C ASN C 209 -11.50 21.76 3.84
N HIS C 210 -11.06 21.86 2.59
CA HIS C 210 -9.70 21.55 2.17
C HIS C 210 -9.20 22.75 1.35
N LYS C 211 -8.57 23.69 2.04
CA LYS C 211 -8.16 24.94 1.38
C LYS C 211 -7.15 24.75 0.26
N PRO C 212 -6.17 23.82 0.31
CA PRO C 212 -5.23 23.67 -0.81
C PRO C 212 -5.88 23.44 -2.16
N SER C 213 -7.10 22.90 -2.19
CA SER C 213 -7.81 22.65 -3.45
C SER C 213 -9.09 23.46 -3.56
N ASN C 214 -9.35 24.37 -2.61
CA ASN C 214 -10.58 25.15 -2.58
C ASN C 214 -11.83 24.26 -2.56
N THR C 215 -11.71 23.08 -1.95
CA THR C 215 -12.81 22.15 -1.83
C THR C 215 -13.58 22.42 -0.55
N LYS C 216 -14.90 22.58 -0.67
CA LYS C 216 -15.76 22.78 0.49
C LYS C 216 -17.03 21.97 0.25
N VAL C 217 -17.22 20.90 1.00
CA VAL C 217 -18.33 19.97 0.81
C VAL C 217 -19.18 19.93 2.06
N ASP C 218 -20.50 19.95 1.86
CA ASP C 218 -21.48 19.69 2.91
C ASP C 218 -22.19 18.38 2.57
N LYS C 219 -22.15 17.42 3.48
CA LYS C 219 -22.66 16.07 3.21
C LYS C 219 -23.66 15.68 4.29
N LYS C 220 -24.92 15.52 3.90
CA LYS C 220 -25.96 15.05 4.81
C LYS C 220 -25.77 13.56 5.07
N VAL C 221 -25.90 13.18 6.34
CA VAL C 221 -25.67 11.81 6.78
C VAL C 221 -26.99 11.23 7.24
N GLU C 222 -27.51 10.25 6.50
CA GLU C 222 -28.82 9.67 6.76
C GLU C 222 -28.70 8.23 7.23
N PRO C 223 -29.57 7.80 8.14
CA PRO C 223 -29.49 6.43 8.67
C PRO C 223 -29.76 5.39 7.59
N LYS C 224 -29.25 4.19 7.84
CA LYS C 224 -29.45 3.04 6.96
C LYS C 224 -30.44 2.08 7.59
N SER C 225 -31.31 1.51 6.76
CA SER C 225 -32.26 0.48 7.19
C SER C 225 -31.50 -0.81 7.48
N CYS C 226 -30.88 -0.85 8.66
CA CYS C 226 -30.14 -2.03 9.09
C CYS C 226 -29.92 -2.04 10.60
N ASP D 1 28.90 8.10 15.35
CA ASP D 1 27.81 8.81 15.99
C ASP D 1 27.55 8.24 17.39
N ILE D 2 26.63 8.86 18.12
CA ILE D 2 26.24 8.40 19.45
C ILE D 2 24.74 8.14 19.43
N GLN D 3 24.35 6.92 19.79
CA GLN D 3 22.94 6.53 19.80
C GLN D 3 22.35 6.74 21.19
N MET D 4 21.19 7.37 21.25
CA MET D 4 20.44 7.56 22.49
C MET D 4 19.16 6.75 22.41
N THR D 5 18.91 5.95 23.44
CA THR D 5 17.71 5.12 23.53
C THR D 5 17.05 5.33 24.89
N GLN D 6 15.74 5.53 24.88
CA GLN D 6 14.99 5.79 26.10
C GLN D 6 14.09 4.61 26.43
N SER D 7 13.73 4.53 27.72
CA SER D 7 12.81 3.51 28.20
C SER D 7 12.02 4.08 29.38
N PRO D 8 10.72 3.80 29.46
CA PRO D 8 9.99 3.07 28.43
C PRO D 8 9.55 4.00 27.31
N SER D 9 8.83 3.49 26.32
CA SER D 9 8.28 4.38 25.31
C SER D 9 7.01 5.06 25.81
N THR D 10 6.21 4.37 26.60
CA THR D 10 4.97 4.93 27.14
C THR D 10 4.86 4.58 28.62
N LEU D 11 4.45 5.57 29.41
CA LEU D 11 4.28 5.41 30.84
C LEU D 11 2.91 5.96 31.23
N SER D 12 2.12 5.15 31.92
CA SER D 12 0.83 5.58 32.43
C SER D 12 0.96 5.85 33.92
N ALA D 13 0.54 7.03 34.36
CA ALA D 13 0.73 7.42 35.76
C ALA D 13 -0.42 8.31 36.22
N SER D 14 -0.75 8.19 37.50
CA SER D 14 -1.75 9.04 38.11
C SER D 14 -1.16 10.40 38.45
N VAL D 15 -2.04 11.40 38.57
CA VAL D 15 -1.62 12.66 39.15
C VAL D 15 -1.17 12.42 40.59
N GLY D 16 -0.03 12.99 40.96
CA GLY D 16 0.55 12.75 42.26
C GLY D 16 1.57 11.63 42.31
N ASP D 17 1.68 10.84 41.24
CA ASP D 17 2.63 9.73 41.23
C ASP D 17 4.06 10.23 41.04
N ARG D 18 5.00 9.40 41.46
CA ARG D 18 6.42 9.61 41.19
C ARG D 18 6.80 8.87 39.93
N VAL D 19 7.40 9.58 38.97
CA VAL D 19 7.69 9.05 37.65
C VAL D 19 9.18 9.14 37.40
N THR D 20 9.76 8.06 36.86
CA THR D 20 11.17 8.02 36.51
C THR D 20 11.33 7.51 35.09
N ILE D 21 12.16 8.20 34.30
CA ILE D 21 12.40 7.89 32.89
C ILE D 21 13.90 7.79 32.67
N THR D 22 14.34 6.72 32.01
CA THR D 22 15.77 6.46 31.84
C THR D 22 16.20 6.70 30.39
N CYS D 23 17.44 7.15 30.24
CA CYS D 23 18.06 7.41 28.95
C CYS D 23 19.44 6.76 28.94
N ARG D 24 19.76 6.05 27.87
CA ARG D 24 21.00 5.29 27.76
C ARG D 24 21.77 5.74 26.52
N ALA D 25 23.06 5.98 26.69
CA ALA D 25 23.95 6.35 25.60
C ALA D 25 24.89 5.20 25.26
N SER D 26 25.17 5.03 23.97
CA SER D 26 26.03 3.94 23.53
C SER D 26 27.50 4.20 23.84
N GLN D 27 27.87 5.41 24.24
CA GLN D 27 29.21 5.67 24.75
C GLN D 27 29.12 6.79 25.78
N SER D 28 30.15 6.88 26.62
CA SER D 28 30.16 7.83 27.70
CA SER D 28 30.15 7.84 27.71
C SER D 28 30.07 9.26 27.17
N ILE D 29 29.12 10.04 27.71
CA ILE D 29 28.95 11.44 27.37
C ILE D 29 29.18 12.34 28.58
N ALA D 30 29.77 11.80 29.65
CA ALA D 30 30.01 12.52 30.90
C ALA D 30 28.67 13.05 31.41
N SER D 31 28.46 14.36 31.47
CA SER D 31 27.17 14.92 31.88
C SER D 31 26.51 15.73 30.78
N TRP D 32 27.05 15.71 29.57
CA TRP D 32 26.47 16.51 28.48
C TRP D 32 25.16 15.88 28.01
N LEU D 33 24.14 15.97 28.84
CA LEU D 33 22.82 15.39 28.58
C LEU D 33 21.77 16.44 28.88
N ALA D 34 20.76 16.53 28.00
CA ALA D 34 19.67 17.48 28.17
C ALA D 34 18.34 16.78 28.05
N TRP D 35 17.36 17.27 28.79
CA TRP D 35 16.01 16.70 28.81
C TRP D 35 15.02 17.72 28.27
N TYR D 36 14.22 17.30 27.29
CA TYR D 36 13.21 18.14 26.67
C TYR D 36 11.82 17.61 26.96
N GLN D 37 10.84 18.52 27.01
CA GLN D 37 9.43 18.18 27.11
C GLN D 37 8.72 18.74 25.89
N GLN D 38 7.89 17.93 25.25
CA GLN D 38 7.14 18.37 24.09
C GLN D 38 5.70 17.91 24.19
N LYS D 39 4.77 18.83 23.96
CA LYS D 39 3.36 18.54 23.86
C LYS D 39 2.91 18.60 22.40
N PRO D 40 1.88 17.84 22.03
CA PRO D 40 1.49 17.79 20.62
C PRO D 40 1.21 19.17 20.05
N GLY D 41 1.78 19.43 18.87
CA GLY D 41 1.59 20.69 18.18
C GLY D 41 2.51 21.80 18.61
N LYS D 42 3.35 21.58 19.62
CA LYS D 42 4.26 22.59 20.14
C LYS D 42 5.70 22.10 20.02
N ALA D 43 6.62 23.06 20.06
CA ALA D 43 8.04 22.78 19.93
C ALA D 43 8.60 22.21 21.22
N PRO D 44 9.72 21.49 21.16
CA PRO D 44 10.36 21.00 22.39
C PRO D 44 10.72 22.15 23.32
N LYS D 45 10.74 21.85 24.61
CA LYS D 45 11.05 22.81 25.65
C LYS D 45 12.09 22.20 26.58
N LEU D 46 13.23 22.87 26.73
CA LEU D 46 14.30 22.32 27.55
C LEU D 46 13.93 22.41 29.02
N LEU D 47 14.11 21.30 29.74
CA LEU D 47 13.84 21.21 31.17
C LEU D 47 15.11 21.12 32.00
N ILE D 48 16.04 20.26 31.60
CA ILE D 48 17.25 19.98 32.37
C ILE D 48 18.44 20.03 31.43
N TYR D 49 19.49 20.72 31.86
CA TYR D 49 20.71 20.90 31.09
C TYR D 49 21.89 20.35 31.88
N LYS D 50 22.83 19.72 31.18
CA LYS D 50 24.01 19.12 31.80
C LYS D 50 23.60 18.14 32.90
N ALA D 51 22.72 17.21 32.53
CA ALA D 51 22.28 16.10 33.36
C ALA D 51 21.30 16.48 34.47
N SER D 52 21.59 17.53 35.24
CA SER D 52 20.82 17.78 36.45
C SER D 52 20.43 19.23 36.71
N SER D 53 20.81 20.19 35.86
CA SER D 53 20.55 21.59 36.14
C SER D 53 19.19 22.00 35.58
N LEU D 54 18.28 22.39 36.46
CA LEU D 54 16.96 22.83 36.03
C LEU D 54 17.05 24.18 35.32
N GLU D 55 16.40 24.28 34.17
CA GLU D 55 16.29 25.56 33.49
C GLU D 55 15.41 26.51 34.31
N SER D 56 15.58 27.81 34.05
CA SER D 56 14.74 28.81 34.69
C SER D 56 13.27 28.53 34.38
N GLY D 57 12.43 28.56 35.42
CA GLY D 57 11.02 28.34 35.27
C GLY D 57 10.55 26.92 35.52
N VAL D 58 11.46 25.95 35.46
CA VAL D 58 11.05 24.55 35.62
C VAL D 58 10.81 24.28 37.10
N PRO D 59 9.63 23.76 37.47
CA PRO D 59 9.34 23.51 38.88
C PRO D 59 10.29 22.49 39.50
N SER D 60 10.47 22.62 40.82
CA SER D 60 11.46 21.82 41.53
C SER D 60 11.14 20.33 41.53
N ARG D 61 9.88 19.95 41.24
CA ARG D 61 9.53 18.54 41.24
C ARG D 61 10.26 17.76 40.15
N PHE D 62 10.78 18.45 39.14
CA PHE D 62 11.65 17.80 38.16
C PHE D 62 13.06 17.66 38.70
N SER D 63 13.77 16.66 38.21
CA SER D 63 15.17 16.46 38.59
C SER D 63 15.80 15.45 37.63
N GLY D 64 17.10 15.55 37.48
CA GLY D 64 17.85 14.64 36.63
C GLY D 64 19.10 14.16 37.34
N SER D 65 19.54 12.97 36.97
CA SER D 65 20.71 12.37 37.57
CA SER D 65 20.70 12.34 37.59
C SER D 65 21.41 11.47 36.56
N GLY D 66 22.65 11.14 36.87
CA GLY D 66 23.40 10.24 36.02
C GLY D 66 24.62 10.91 35.38
N SER D 67 25.57 10.06 34.99
CA SER D 67 26.77 10.49 34.30
C SER D 67 27.34 9.28 33.57
N GLY D 68 28.04 9.55 32.48
CA GLY D 68 28.59 8.47 31.68
C GLY D 68 27.64 7.99 30.61
N THR D 69 26.90 6.92 30.89
CA THR D 69 26.00 6.33 29.90
C THR D 69 24.54 6.24 30.33
N GLU D 70 24.26 6.13 31.63
CA GLU D 70 22.89 5.95 32.12
C GLU D 70 22.41 7.25 32.77
N PHE D 71 21.21 7.70 32.38
CA PHE D 71 20.67 8.97 32.84
C PHE D 71 19.19 8.79 33.18
N THR D 72 18.77 9.42 34.28
CA THR D 72 17.40 9.31 34.76
CA THR D 72 17.40 9.31 34.77
C THR D 72 16.78 10.70 34.89
N LEU D 73 15.50 10.80 34.52
CA LEU D 73 14.69 11.99 34.75
C LEU D 73 13.56 11.60 35.69
N THR D 74 13.33 12.42 36.72
CA THR D 74 12.36 12.07 37.76
C THR D 74 11.43 13.25 38.02
N ILE D 75 10.15 12.95 38.11
CA ILE D 75 9.13 13.90 38.53
C ILE D 75 8.60 13.41 39.87
N SER D 76 8.96 14.12 40.95
CA SER D 76 8.67 13.63 42.30
C SER D 76 7.17 13.47 42.54
N SER D 77 6.38 14.46 42.10
CA SER D 77 4.93 14.38 42.20
C SER D 77 4.33 14.86 40.88
N LEU D 78 3.66 13.97 40.16
CA LEU D 78 3.19 14.28 38.82
C LEU D 78 2.07 15.32 38.88
N HIS D 79 2.22 16.38 38.11
CA HIS D 79 1.33 17.52 37.95
C HIS D 79 0.45 17.33 36.72
N PRO D 80 -0.81 17.78 36.76
CA PRO D 80 -1.69 17.66 35.58
C PRO D 80 -1.05 18.20 34.30
N ASP D 81 -0.11 19.13 34.42
CA ASP D 81 0.55 19.73 33.27
C ASP D 81 1.71 18.89 32.73
N ASP D 82 2.12 17.85 33.45
CA ASP D 82 3.33 17.10 33.12
C ASP D 82 3.11 16.02 32.08
N PHE D 83 1.87 15.79 31.63
CA PHE D 83 1.60 14.75 30.65
C PHE D 83 2.02 15.25 29.27
N ALA D 84 3.07 14.62 28.73
CA ALA D 84 3.69 15.03 27.48
C ALA D 84 4.76 14.02 27.09
N THR D 85 5.52 14.30 26.04
CA THR D 85 6.60 13.44 25.61
C THR D 85 7.93 14.05 26.02
N TYR D 86 8.85 13.20 26.50
CA TYR D 86 10.14 13.65 27.01
C TYR D 86 11.26 13.03 26.19
N PHE D 87 12.20 13.87 25.76
CA PHE D 87 13.33 13.46 24.95
C PHE D 87 14.63 13.81 25.65
N CYS D 88 15.61 12.92 25.55
CA CYS D 88 16.96 13.22 26.00
C CYS D 88 17.85 13.52 24.80
N GLN D 89 18.91 14.30 25.05
CA GLN D 89 19.79 14.76 23.98
C GLN D 89 21.20 14.90 24.54
N GLN D 90 22.17 14.30 23.86
CA GLN D 90 23.57 14.47 24.18
C GLN D 90 24.15 15.56 23.30
N PHE D 91 25.04 16.38 23.88
CA PHE D 91 25.68 17.45 23.14
C PHE D 91 27.19 17.45 23.32
N THR D 92 27.79 16.26 23.44
CA THR D 92 29.25 16.15 23.48
C THR D 92 29.86 15.89 22.12
N SER D 93 29.11 15.29 21.19
CA SER D 93 29.63 15.00 19.86
C SER D 93 28.45 15.13 18.89
N TYR D 94 28.35 16.29 18.24
CA TYR D 94 27.14 16.67 17.52
C TYR D 94 25.94 16.56 18.44
N TRP D 95 24.74 16.38 17.89
CA TRP D 95 23.53 16.39 18.71
C TRP D 95 22.60 15.28 18.23
N THR D 96 22.41 14.27 19.07
CA THR D 96 21.52 13.16 18.79
C THR D 96 20.52 13.00 19.94
N PHE D 97 19.32 12.56 19.60
CA PHE D 97 18.20 12.53 20.53
C PHE D 97 17.74 11.10 20.77
N GLY D 98 16.89 10.93 21.78
CA GLY D 98 16.18 9.68 21.99
C GLY D 98 14.84 9.66 21.28
N GLN D 99 14.22 8.49 21.25
CA GLN D 99 12.94 8.33 20.57
CA GLN D 99 12.94 8.35 20.56
C GLN D 99 11.76 8.81 21.41
N GLY D 100 11.98 9.18 22.66
CA GLY D 100 10.95 9.80 23.46
C GLY D 100 10.20 8.84 24.36
N THR D 101 9.69 9.37 25.46
CA THR D 101 8.80 8.64 26.37
C THR D 101 7.52 9.44 26.52
N LYS D 102 6.39 8.82 26.18
CA LYS D 102 5.10 9.45 26.36
C LYS D 102 4.58 9.14 27.77
N VAL D 103 4.25 10.20 28.51
CA VAL D 103 3.68 10.07 29.85
C VAL D 103 2.19 10.39 29.73
N GLU D 104 1.35 9.37 29.90
CA GLU D 104 -0.08 9.49 29.71
C GLU D 104 -0.81 9.41 31.04
N ILE D 105 -2.07 9.83 31.02
CA ILE D 105 -2.89 9.90 32.23
C ILE D 105 -3.45 8.52 32.54
N LYS D 106 -3.29 8.08 33.78
CA LYS D 106 -3.88 6.84 34.25
C LYS D 106 -5.27 7.10 34.78
N ARG D 107 -6.20 6.21 34.46
CA ARG D 107 -7.57 6.30 34.95
C ARG D 107 -8.14 4.90 35.05
N THR D 108 -9.41 4.82 35.46
CA THR D 108 -10.08 3.54 35.55
C THR D 108 -10.33 2.98 34.14
N VAL D 109 -10.40 1.64 34.07
CA VAL D 109 -10.64 1.00 32.79
C VAL D 109 -12.03 1.36 32.29
N ALA D 110 -12.13 1.73 31.02
CA ALA D 110 -13.40 2.05 30.38
C ALA D 110 -13.47 1.26 29.08
N ALA D 111 -14.45 0.37 28.98
CA ALA D 111 -14.57 -0.47 27.81
C ALA D 111 -15.07 0.37 26.63
N PRO D 112 -14.59 0.09 25.42
CA PRO D 112 -15.04 0.88 24.26
C PRO D 112 -16.48 0.54 23.89
N SER D 113 -17.17 1.53 23.34
CA SER D 113 -18.33 1.25 22.52
C SER D 113 -17.84 0.95 21.10
N VAL D 114 -18.35 -0.12 20.51
CA VAL D 114 -17.89 -0.60 19.21
C VAL D 114 -18.97 -0.35 18.17
N PHE D 115 -18.61 0.32 17.08
CA PHE D 115 -19.52 0.62 15.99
C PHE D 115 -18.85 0.26 14.67
N ILE D 116 -19.65 -0.19 13.71
CA ILE D 116 -19.15 -0.51 12.37
C ILE D 116 -20.01 0.21 11.35
N PHE D 117 -19.36 0.72 10.30
CA PHE D 117 -20.04 1.41 9.23
C PHE D 117 -19.78 0.71 7.90
N PRO D 118 -20.82 0.32 7.17
CA PRO D 118 -20.62 -0.29 5.87
C PRO D 118 -20.23 0.76 4.86
N PRO D 119 -19.65 0.35 3.72
CA PRO D 119 -19.33 1.33 2.68
C PRO D 119 -20.58 2.04 2.20
N SER D 120 -20.40 3.29 1.80
CA SER D 120 -21.52 4.07 1.29
C SER D 120 -21.83 3.69 -0.16
N ASP D 121 -23.07 3.94 -0.57
CA ASP D 121 -23.41 3.79 -1.97
C ASP D 121 -22.58 4.72 -2.84
N GLU D 122 -22.34 5.94 -2.36
CA GLU D 122 -21.59 6.91 -3.15
CA GLU D 122 -21.59 6.91 -3.15
C GLU D 122 -20.17 6.42 -3.41
N GLN D 123 -19.54 5.79 -2.42
CA GLN D 123 -18.19 5.26 -2.63
C GLN D 123 -18.19 4.06 -3.56
N LEU D 124 -19.17 3.16 -3.39
CA LEU D 124 -19.21 1.96 -4.23
C LEU D 124 -19.41 2.29 -5.70
N LYS D 125 -20.08 3.41 -6.00
CA LYS D 125 -20.22 3.83 -7.40
C LYS D 125 -18.87 4.15 -8.02
N SER D 126 -17.91 4.62 -7.21
CA SER D 126 -16.58 4.97 -7.71
C SER D 126 -15.65 3.78 -7.82
N GLY D 127 -16.06 2.59 -7.37
CA GLY D 127 -15.29 1.39 -7.56
C GLY D 127 -14.48 0.91 -6.38
N THR D 128 -14.65 1.50 -5.20
CA THR D 128 -13.92 1.11 -4.00
C THR D 128 -14.89 0.97 -2.83
N ALA D 129 -14.47 0.21 -1.82
CA ALA D 129 -15.28 -0.02 -0.64
C ALA D 129 -14.42 0.11 0.62
N SER D 130 -14.87 0.93 1.56
CA SER D 130 -14.19 1.11 2.83
C SER D 130 -15.15 0.80 3.97
N VAL D 131 -14.70 -0.03 4.91
CA VAL D 131 -15.47 -0.39 6.10
C VAL D 131 -14.73 0.16 7.31
N VAL D 132 -15.44 0.91 8.15
CA VAL D 132 -14.86 1.59 9.30
C VAL D 132 -15.36 0.89 10.57
N CYS D 133 -14.42 0.56 11.45
CA CYS D 133 -14.71 0.00 12.76
C CYS D 133 -14.30 1.03 13.81
N LEU D 134 -15.26 1.45 14.64
CA LEU D 134 -15.05 2.53 15.59
C LEU D 134 -15.02 1.99 17.01
N LEU D 135 -13.96 2.32 17.74
CA LEU D 135 -13.87 2.12 19.19
C LEU D 135 -13.89 3.49 19.85
N ASN D 136 -14.83 3.71 20.75
CA ASN D 136 -15.09 5.07 21.25
C ASN D 136 -14.96 5.13 22.77
N ASN D 137 -14.16 6.11 23.23
CA ASN D 137 -14.10 6.52 24.63
C ASN D 137 -13.71 5.36 25.54
N PHE D 138 -12.50 4.85 25.35
CA PHE D 138 -12.02 3.70 26.09
C PHE D 138 -10.67 3.99 26.72
N TYR D 139 -10.34 3.18 27.73
CA TYR D 139 -9.04 3.23 28.39
C TYR D 139 -8.80 1.88 29.02
N PRO D 140 -7.55 1.35 28.99
CA PRO D 140 -6.33 1.90 28.38
C PRO D 140 -6.33 1.89 26.85
N ARG D 141 -5.24 2.41 26.28
CA ARG D 141 -5.14 2.55 24.83
C ARG D 141 -5.01 1.21 24.13
N GLU D 142 -4.42 0.22 24.80
CA GLU D 142 -4.20 -1.09 24.18
CA GLU D 142 -4.20 -1.07 24.15
C GLU D 142 -5.51 -1.70 23.72
N ALA D 143 -5.59 -2.05 22.44
CA ALA D 143 -6.78 -2.67 21.87
C ALA D 143 -6.37 -3.49 20.66
N LYS D 144 -7.05 -4.61 20.46
CA LYS D 144 -6.83 -5.47 19.29
C LYS D 144 -8.09 -5.42 18.42
N VAL D 145 -7.93 -4.94 17.20
CA VAL D 145 -9.02 -4.83 16.24
C VAL D 145 -8.69 -5.73 15.05
N GLN D 146 -9.46 -6.79 14.88
CA GLN D 146 -9.20 -7.78 13.84
C GLN D 146 -10.35 -7.78 12.84
N TRP D 147 -10.02 -7.64 11.56
CA TRP D 147 -11.00 -7.75 10.50
C TRP D 147 -11.12 -9.21 10.05
N LYS D 148 -12.35 -9.66 9.85
CA LYS D 148 -12.63 -11.01 9.40
C LYS D 148 -13.65 -10.94 8.27
N VAL D 149 -13.23 -11.37 7.09
CA VAL D 149 -14.09 -11.40 5.91
C VAL D 149 -14.43 -12.86 5.62
N ASP D 150 -15.72 -13.21 5.74
CA ASP D 150 -16.17 -14.60 5.69
C ASP D 150 -15.34 -15.47 6.66
N ASN D 151 -15.14 -14.95 7.87
CA ASN D 151 -14.41 -15.57 8.96
C ASN D 151 -12.92 -15.73 8.68
N ALA D 152 -12.41 -15.18 7.57
CA ALA D 152 -11.00 -15.26 7.25
C ALA D 152 -10.32 -13.98 7.71
N LEU D 153 -9.29 -14.13 8.56
CA LEU D 153 -8.58 -12.98 9.09
C LEU D 153 -7.93 -12.18 7.98
N GLN D 154 -8.18 -10.87 7.98
CA GLN D 154 -7.61 -9.98 6.98
C GLN D 154 -6.25 -9.44 7.45
N SER D 155 -5.46 -8.99 6.48
CA SER D 155 -4.07 -8.62 6.76
C SER D 155 -3.58 -7.69 5.67
N GLY D 156 -3.04 -6.54 6.07
CA GLY D 156 -2.39 -5.63 5.16
C GLY D 156 -3.31 -4.72 4.36
N ASN D 157 -4.61 -4.77 4.60
CA ASN D 157 -5.57 -3.96 3.85
C ASN D 157 -6.33 -2.98 4.74
N SER D 158 -5.82 -2.72 5.94
CA SER D 158 -6.49 -1.85 6.89
C SER D 158 -5.50 -0.85 7.49
N GLN D 159 -6.04 0.28 7.94
CA GLN D 159 -5.25 1.32 8.57
C GLN D 159 -5.98 1.83 9.80
N GLU D 160 -5.22 2.10 10.87
CA GLU D 160 -5.77 2.57 12.12
C GLU D 160 -5.40 4.04 12.35
N SER D 161 -6.27 4.73 13.10
CA SER D 161 -6.02 6.09 13.55
C SER D 161 -6.56 6.22 14.96
N VAL D 162 -5.83 6.93 15.81
CA VAL D 162 -6.18 7.04 17.23
C VAL D 162 -6.02 8.49 17.67
N THR D 163 -6.96 8.97 18.46
CA THR D 163 -6.92 10.33 18.97
C THR D 163 -5.93 10.45 20.11
N GLU D 164 -5.51 11.69 20.37
CA GLU D 164 -4.81 11.96 21.62
C GLU D 164 -5.76 11.77 22.78
N GLN D 165 -5.20 11.54 23.97
CA GLN D 165 -6.04 11.34 25.15
C GLN D 165 -6.94 12.55 25.38
N ASP D 166 -8.20 12.30 25.69
CA ASP D 166 -9.18 13.36 25.84
C ASP D 166 -8.83 14.25 27.03
N SER D 167 -8.95 15.56 26.82
CA SER D 167 -8.56 16.50 27.87
C SER D 167 -9.53 16.50 29.05
N LYS D 168 -10.74 15.98 28.87
CA LYS D 168 -11.76 16.07 29.92
C LYS D 168 -12.11 14.73 30.56
N ASP D 169 -12.05 13.62 29.83
CA ASP D 169 -12.26 12.31 30.43
C ASP D 169 -11.09 11.37 30.30
N SER D 170 -10.02 11.76 29.59
CA SER D 170 -8.78 10.99 29.51
C SER D 170 -8.96 9.63 28.84
N THR D 171 -9.91 9.52 27.92
CA THR D 171 -10.12 8.29 27.17
C THR D 171 -9.54 8.42 25.77
N TYR D 172 -9.52 7.29 25.07
CA TYR D 172 -9.07 7.23 23.68
C TYR D 172 -10.24 6.87 22.77
N SER D 173 -10.08 7.21 21.50
CA SER D 173 -10.99 6.76 20.45
C SER D 173 -10.15 6.31 19.26
N LEU D 174 -10.59 5.22 18.62
CA LEU D 174 -9.80 4.57 17.59
C LEU D 174 -10.69 4.22 16.42
N SER D 175 -10.14 4.33 15.21
CA SER D 175 -10.82 3.91 13.99
C SER D 175 -9.92 2.97 13.21
N SER D 176 -10.52 1.94 12.62
CA SER D 176 -9.83 1.04 11.71
C SER D 176 -10.62 1.01 10.40
N THR D 177 -9.94 1.28 9.29
CA THR D 177 -10.58 1.38 7.99
C THR D 177 -10.09 0.25 7.10
N LEU D 178 -10.94 -0.73 6.87
CA LEU D 178 -10.67 -1.78 5.89
C LEU D 178 -11.08 -1.29 4.52
N THR D 179 -10.11 -1.18 3.61
CA THR D 179 -10.37 -0.70 2.27
C THR D 179 -10.12 -1.82 1.26
N LEU D 180 -11.12 -2.08 0.42
CA LEU D 180 -11.04 -3.07 -0.63
C LEU D 180 -11.57 -2.48 -1.93
N SER D 181 -11.08 -3.00 -3.04
CA SER D 181 -11.70 -2.70 -4.31
C SER D 181 -13.14 -3.19 -4.31
N LYS D 182 -13.99 -2.52 -5.09
CA LYS D 182 -15.37 -2.99 -5.21
C LYS D 182 -15.42 -4.42 -5.71
N ALA D 183 -14.53 -4.77 -6.64
CA ALA D 183 -14.50 -6.13 -7.18
C ALA D 183 -14.25 -7.15 -6.08
N ASP D 184 -13.17 -6.96 -5.30
CA ASP D 184 -12.89 -7.88 -4.20
C ASP D 184 -13.99 -7.83 -3.15
N TYR D 185 -14.55 -6.64 -2.91
CA TYR D 185 -15.61 -6.50 -1.92
C TYR D 185 -16.83 -7.35 -2.29
N GLU D 186 -17.23 -7.34 -3.55
CA GLU D 186 -18.41 -8.06 -4.00
C GLU D 186 -18.22 -9.57 -4.00
N LYS D 187 -17.04 -10.08 -3.68
CA LYS D 187 -16.78 -11.52 -3.72
C LYS D 187 -17.07 -12.22 -2.39
N HIS D 188 -17.38 -11.46 -1.33
CA HIS D 188 -17.58 -12.06 -0.02
C HIS D 188 -18.81 -11.47 0.63
N LYS D 189 -19.32 -12.19 1.63
CA LYS D 189 -20.60 -11.87 2.26
C LYS D 189 -20.44 -11.15 3.59
N VAL D 190 -19.78 -11.78 4.56
CA VAL D 190 -19.78 -11.32 5.94
C VAL D 190 -18.53 -10.49 6.21
N TYR D 191 -18.72 -9.28 6.74
CA TYR D 191 -17.63 -8.37 7.09
C TYR D 191 -17.75 -8.04 8.57
N ALA D 192 -16.70 -8.34 9.34
CA ALA D 192 -16.76 -8.19 10.78
C ALA D 192 -15.43 -7.62 11.29
N CYS D 193 -15.52 -6.78 12.32
CA CYS D 193 -14.36 -6.39 13.10
C CYS D 193 -14.53 -6.89 14.52
N GLU D 194 -13.54 -7.62 15.02
CA GLU D 194 -13.55 -8.15 16.37
C GLU D 194 -12.66 -7.28 17.25
N VAL D 195 -13.21 -6.82 18.37
CA VAL D 195 -12.53 -5.91 19.26
C VAL D 195 -12.27 -6.62 20.58
N THR D 196 -10.99 -6.72 20.95
CA THR D 196 -10.58 -7.24 22.25
C THR D 196 -10.00 -6.10 23.08
N HIS D 197 -10.58 -5.87 24.25
CA HIS D 197 -10.11 -4.84 25.16
C HIS D 197 -10.31 -5.34 26.58
N GLN D 198 -9.35 -5.02 27.46
CA GLN D 198 -9.38 -5.56 28.81
C GLN D 198 -10.63 -5.16 29.58
N GLY D 199 -11.30 -4.07 29.20
CA GLY D 199 -12.55 -3.70 29.82
C GLY D 199 -13.74 -4.55 29.39
N LEU D 200 -13.58 -5.36 28.35
CA LEU D 200 -14.64 -6.23 27.85
C LEU D 200 -14.38 -7.65 28.35
N SER D 201 -15.39 -8.25 28.99
CA SER D 201 -15.24 -9.61 29.50
C SER D 201 -14.97 -10.60 28.36
N SER D 202 -15.47 -10.32 27.16
CA SER D 202 -15.32 -11.19 26.01
C SER D 202 -15.21 -10.33 24.77
N PRO D 203 -14.50 -10.80 23.74
CA PRO D 203 -14.36 -9.99 22.52
C PRO D 203 -15.71 -9.63 21.92
N VAL D 204 -15.82 -8.38 21.48
CA VAL D 204 -17.06 -7.87 20.87
C VAL D 204 -16.90 -7.87 19.36
N THR D 205 -17.90 -8.40 18.66
CA THR D 205 -17.91 -8.44 17.21
C THR D 205 -19.12 -7.69 16.68
N LYS D 206 -18.87 -6.75 15.78
CA LYS D 206 -19.91 -6.08 15.01
C LYS D 206 -19.74 -6.47 13.55
N SER D 207 -20.77 -7.09 12.97
CA SER D 207 -20.69 -7.63 11.62
CA SER D 207 -20.69 -7.64 11.63
C SER D 207 -21.91 -7.23 10.82
N PHE D 208 -21.78 -7.34 9.49
CA PHE D 208 -22.88 -7.10 8.58
C PHE D 208 -22.64 -7.94 7.32
N ASN D 209 -23.72 -8.23 6.61
CA ASN D 209 -23.66 -8.91 5.33
C ASN D 209 -23.71 -7.90 4.20
N ARG D 210 -22.97 -8.16 3.14
CA ARG D 210 -22.90 -7.24 2.01
C ARG D 210 -24.26 -7.11 1.33
N GLY D 211 -24.65 -5.88 1.03
CA GLY D 211 -25.93 -5.60 0.42
C GLY D 211 -27.11 -5.55 1.37
N GLU D 212 -26.92 -5.94 2.62
CA GLU D 212 -28.01 -5.96 3.61
C GLU D 212 -27.85 -4.82 4.63
N CYS D 213 -27.26 -3.72 4.22
CA CYS D 213 -27.09 -2.57 5.09
C CYS D 213 -27.04 -1.27 4.30
N ASN E 1 40.22 21.07 13.76
CA ASN E 1 40.43 22.47 14.11
C ASN E 1 39.36 22.96 15.06
N VAL E 2 38.12 22.91 14.60
CA VAL E 2 36.98 23.43 15.34
C VAL E 2 36.12 22.25 15.78
N ASP E 3 35.89 22.14 17.09
CA ASP E 3 34.94 21.17 17.61
C ASP E 3 33.52 21.69 17.39
N PRO E 4 32.66 20.96 16.69
CA PRO E 4 31.28 21.44 16.48
C PRO E 4 30.55 21.78 17.76
N ASN E 5 30.90 21.14 18.88
CA ASN E 5 30.24 21.36 20.15
C ASN E 5 30.92 22.40 21.02
N ALA E 6 31.98 23.03 20.53
CA ALA E 6 32.60 24.12 21.28
C ALA E 6 31.70 25.35 21.26
N ASN E 7 32.07 26.33 22.07
CA ASN E 7 31.31 27.57 22.21
C ASN E 7 31.11 28.24 20.85
N PRO E 8 29.88 28.26 20.34
CA PRO E 8 29.61 28.91 19.05
C PRO E 8 29.30 30.41 19.14
N ASN E 9 29.46 31.01 20.31
CA ASN E 9 29.08 32.39 20.57
C ASN E 9 30.34 33.26 20.65
N VAL E 10 30.13 34.54 20.97
CA VAL E 10 31.26 35.43 21.18
C VAL E 10 31.98 35.03 22.46
N ASP E 11 33.32 35.06 22.43
CA ASP E 11 34.16 34.66 23.56
C ASP E 11 33.82 33.25 24.05
N ASN F 1 -35.81 -2.69 -30.40
CA ASN F 1 -36.76 -3.56 -31.07
C ASN F 1 -36.28 -5.01 -31.14
N VAL F 2 -34.96 -5.19 -31.08
CA VAL F 2 -34.36 -6.49 -31.30
C VAL F 2 -33.86 -7.07 -29.98
N ASP F 3 -33.77 -8.39 -29.95
CA ASP F 3 -33.05 -9.12 -28.92
C ASP F 3 -31.55 -8.93 -29.14
N PRO F 4 -30.80 -8.46 -28.14
CA PRO F 4 -29.35 -8.28 -28.34
C PRO F 4 -28.63 -9.57 -28.69
N ASN F 5 -29.16 -10.73 -28.32
CA ASN F 5 -28.58 -12.01 -28.68
C ASN F 5 -29.07 -12.52 -30.05
N ALA F 6 -29.96 -11.80 -30.72
CA ALA F 6 -30.42 -12.21 -32.03
C ALA F 6 -29.30 -12.05 -33.06
N ASN F 7 -29.57 -12.56 -34.27
CA ASN F 7 -28.62 -12.51 -35.38
C ASN F 7 -28.19 -11.08 -35.66
N PRO F 8 -26.92 -10.74 -35.41
CA PRO F 8 -26.43 -9.39 -35.70
C PRO F 8 -25.82 -9.22 -37.08
N ASN F 9 -25.89 -10.23 -37.93
CA ASN F 9 -25.24 -10.22 -39.23
C ASN F 9 -26.25 -9.84 -40.32
N VAL F 10 -25.77 -9.77 -41.56
CA VAL F 10 -26.68 -9.60 -42.69
C VAL F 10 -27.57 -10.84 -42.79
N ASP F 11 -28.83 -10.63 -43.15
CA ASP F 11 -29.76 -11.74 -43.23
C ASP F 11 -30.90 -11.43 -44.20
C1 EDO G . 29.98 -9.51 -18.62
O1 EDO G . 28.59 -9.34 -18.85
C2 EDO G . 30.22 -10.69 -17.70
O2 EDO G . 31.62 -10.99 -17.64
C1 EDO H . -6.26 1.40 -36.39
O1 EDO H . -5.68 2.34 -35.48
C2 EDO H . -5.29 1.13 -37.54
O2 EDO H . -4.10 0.54 -37.02
C1 EDO I . 23.10 -24.35 -12.27
O1 EDO I . 23.00 -24.67 -10.88
C2 EDO I . 21.86 -24.84 -13.01
O2 EDO I . 20.76 -23.96 -12.72
C1 EDO J . -24.97 -9.20 -17.10
O1 EDO J . -25.87 -10.07 -17.80
C2 EDO J . -23.71 -8.97 -17.92
O2 EDO J . -24.01 -8.15 -19.06
C1 EDO K . -4.03 -14.13 -20.69
O1 EDO K . -4.56 -14.44 -19.39
C2 EDO K . -3.29 -12.79 -20.62
O2 EDO K . -2.25 -12.86 -19.64
C1 EDO L . 0.07 -26.80 3.64
O1 EDO L . 1.32 -27.39 3.26
C2 EDO L . 0.14 -25.30 3.44
O2 EDO L . 0.34 -25.02 2.04
C1 EDO M . -1.73 8.89 -6.06
O1 EDO M . -0.70 9.87 -6.24
C2 EDO M . -1.53 7.74 -7.04
O2 EDO M . -0.34 7.02 -6.70
C1 EDO N . -27.33 22.96 9.54
O1 EDO N . -27.25 23.98 10.55
C2 EDO N . -28.01 21.71 10.11
O2 EDO N . -29.39 21.99 10.39
C1 EDO O . -12.75 -7.84 33.52
O1 EDO O . -12.35 -8.74 32.48
C2 EDO O . -13.70 -6.80 32.95
O2 EDO O . -14.98 -7.39 32.70
C1 EDO P . -18.37 -7.57 27.08
O1 EDO P . -19.03 -7.43 25.81
C2 EDO P . -18.84 -6.48 28.03
O2 EDO P . -18.13 -6.60 29.27
C1 EDO Q . 5.52 22.24 24.77
O1 EDO Q . 5.94 21.34 23.73
C2 EDO Q . 6.11 21.79 26.10
O2 EDO Q . 5.59 22.62 27.14
C1 EDO R . -23.15 -2.02 1.45
O1 EDO R . -22.88 -3.13 0.57
C2 EDO R . -24.08 -2.47 2.57
O2 EDO R . -25.40 -2.71 2.04
#